data_3A5Y
#
_entry.id   3A5Y
#
_cell.length_a   54.800
_cell.length_b   69.150
_cell.length_c   94.080
_cell.angle_alpha   95.47
_cell.angle_beta   106.51
_cell.angle_gamma   90.46
#
_symmetry.space_group_name_H-M   'P 1'
#
loop_
_entity.id
_entity.type
_entity.pdbx_description
1 polymer 'Putative lysyl-tRNA synthetase'
2 non-polymer "5'-O-[(L-LYSYLAMINO)SULFONYL]ADENOSINE"
3 water water
#
_entity_poly.entity_id   1
_entity_poly.type   'polypeptide(L)'
_entity_poly.pdbx_seq_one_letter_code
;MGSSHHHHHHSSGLVPRGSHMSETASWQPSASIPNLLKRAAIMAEIRRFFADRGVLEVETPCMSQATVTDIHLVPFETRF
VGPGHSQGMNLWLMTSPEYHMKRLLVAGCGPVFQLCRSFRNEEMGRYHNPEFTMLEWYRPHYDMYRLMNEVDDLLQQVLD
CPAAESLSYQQAFLRYLEIDPLSADKTQLREVAAKLDLSNVADTEEDRDTLLQLLFTFGVEPNIGKEKPTFVYHFPASQA
SLAQISTEDHRVAERFEVYYKGIELANGFHELTDAREQQQRFEQDNRKRAARGLPQHPIDQNLIEALKVGMPDCSGVALG
VDRLVMLALGAETLAEVIAFSVDRA
;
_entity_poly.pdbx_strand_id   A,B,C,D
#
# COMPACT_ATOMS: atom_id res chain seq x y z
N ALA A 25 24.66 7.68 37.44
CA ALA A 25 23.90 8.13 38.63
C ALA A 25 22.42 8.36 38.32
N SER A 26 21.64 8.43 39.39
CA SER A 26 20.18 8.63 39.32
C SER A 26 19.79 9.97 38.71
N TRP A 27 20.65 10.97 38.83
CA TRP A 27 20.32 12.29 38.31
C TRP A 27 20.25 12.35 36.79
N GLN A 28 20.92 11.41 36.11
CA GLN A 28 20.94 11.43 34.66
C GLN A 28 19.63 11.02 33.99
N PRO A 29 19.40 11.53 32.78
CA PRO A 29 18.19 11.22 32.00
C PRO A 29 18.28 9.75 31.57
N SER A 30 17.14 9.12 31.30
CA SER A 30 17.18 7.73 30.84
C SER A 30 17.43 7.70 29.32
N ALA A 31 17.12 8.80 28.65
CA ALA A 31 17.32 8.91 27.21
C ALA A 31 18.61 9.68 26.90
N SER A 32 19.33 9.25 25.87
CA SER A 32 20.56 9.95 25.48
C SER A 32 20.17 11.25 24.82
N ILE A 33 21.05 12.25 24.89
CA ILE A 33 20.75 13.52 24.24
C ILE A 33 20.50 13.30 22.74
N PRO A 34 21.33 12.47 22.07
CA PRO A 34 21.04 12.27 20.66
C PRO A 34 19.62 11.71 20.39
N ASN A 35 19.14 10.84 21.27
CA ASN A 35 17.79 10.26 21.12
C ASN A 35 16.73 11.35 21.32
N LEU A 36 16.98 12.27 22.25
CA LEU A 36 16.05 13.35 22.51
C LEU A 36 16.01 14.29 21.33
N LEU A 37 17.17 14.46 20.69
CA LEU A 37 17.26 15.33 19.53
C LEU A 37 16.45 14.67 18.40
N LYS A 38 16.60 13.36 18.23
CA LYS A 38 15.85 12.70 17.17
C LYS A 38 14.38 12.57 17.48
N ARG A 39 14.04 12.47 18.77
CA ARG A 39 12.63 12.37 19.15
C ARG A 39 11.91 13.69 18.77
N ALA A 40 12.54 14.83 19.03
CA ALA A 40 11.91 16.12 18.68
C ALA A 40 11.65 16.20 17.16
N ALA A 41 12.55 15.64 16.36
CA ALA A 41 12.40 15.65 14.91
C ALA A 41 11.17 14.83 14.53
N ILE A 42 11.00 13.68 15.18
CA ILE A 42 9.82 12.84 14.90
C ILE A 42 8.53 13.56 15.32
N MET A 43 8.57 14.26 16.44
CA MET A 43 7.39 15.00 16.90
C MET A 43 7.04 16.08 15.85
N ALA A 44 8.07 16.73 15.31
CA ALA A 44 7.85 17.77 14.32
C ALA A 44 7.30 17.13 13.05
N GLU A 45 7.84 15.97 12.71
CA GLU A 45 7.40 15.22 11.53
C GLU A 45 5.92 14.82 11.66
N ILE A 46 5.51 14.41 12.86
CA ILE A 46 4.12 14.04 13.10
C ILE A 46 3.22 15.27 12.92
N ARG A 47 3.66 16.42 13.45
CA ARG A 47 2.86 17.63 13.32
C ARG A 47 2.71 18.07 11.87
N ARG A 48 3.77 17.93 11.08
CA ARG A 48 3.69 18.30 9.66
C ARG A 48 2.69 17.39 8.94
N PHE A 49 2.76 16.09 9.25
CA PHE A 49 1.87 15.11 8.65
C PHE A 49 0.42 15.53 8.83
N PHE A 50 0.03 15.98 10.02
CA PHE A 50 -1.34 16.38 10.24
C PHE A 50 -1.65 17.76 9.68
N ALA A 51 -0.68 18.66 9.74
CA ALA A 51 -0.87 19.99 9.18
C ALA A 51 -1.15 19.85 7.70
N ASP A 52 -0.37 19.01 7.02
CA ASP A 52 -0.53 18.77 5.58
C ASP A 52 -1.91 18.22 5.25
N ARG A 53 -2.56 17.59 6.22
CA ARG A 53 -3.88 17.03 6.00
C ARG A 53 -5.01 17.87 6.57
N GLY A 54 -4.66 19.04 7.10
CA GLY A 54 -5.65 19.93 7.67
C GLY A 54 -6.31 19.44 8.94
N VAL A 55 -5.57 18.69 9.76
CA VAL A 55 -6.10 18.16 11.01
C VAL A 55 -5.61 19.08 12.13
N LEU A 56 -6.56 19.66 12.85
CA LEU A 56 -6.30 20.61 13.93
C LEU A 56 -5.72 20.02 15.22
N GLU A 57 -4.66 20.63 15.74
CA GLU A 57 -4.11 20.13 17.00
C GLU A 57 -4.89 20.76 18.15
N VAL A 58 -5.21 19.96 19.16
CA VAL A 58 -5.91 20.44 20.35
C VAL A 58 -5.22 19.94 21.63
N GLU A 59 -5.55 20.58 22.75
CA GLU A 59 -5.00 20.24 24.06
C GLU A 59 -6.13 20.12 25.06
N THR A 60 -6.38 18.91 25.55
CA THR A 60 -7.46 18.70 26.50
C THR A 60 -6.86 18.41 27.89
N PRO A 61 -7.71 18.37 28.93
CA PRO A 61 -7.17 18.12 30.28
C PRO A 61 -6.41 16.84 30.55
N CYS A 62 -5.49 16.93 31.51
CA CYS A 62 -4.75 15.75 31.96
C CYS A 62 -5.47 15.26 33.20
N MET A 63 -6.36 16.11 33.74
CA MET A 63 -7.14 15.75 34.93
C MET A 63 -8.64 15.94 34.68
N SER A 64 -9.45 15.06 35.26
CA SER A 64 -10.90 15.11 35.09
C SER A 64 -11.66 14.82 36.39
N GLN A 65 -12.92 15.24 36.45
CA GLN A 65 -13.74 14.96 37.62
C GLN A 65 -14.37 13.57 37.47
N ALA A 66 -14.13 12.94 36.32
CA ALA A 66 -14.65 11.60 36.05
C ALA A 66 -13.49 10.79 35.51
N THR A 67 -13.70 9.51 35.25
CA THR A 67 -12.60 8.68 34.76
C THR A 67 -13.19 7.62 33.82
N VAL A 68 -12.45 6.56 33.57
CA VAL A 68 -12.96 5.51 32.68
C VAL A 68 -13.39 4.28 33.47
N THR A 69 -14.41 3.61 32.96
CA THR A 69 -14.92 2.39 33.57
C THR A 69 -14.25 1.17 32.92
N ASP A 70 -13.53 1.40 31.83
CA ASP A 70 -12.82 0.31 31.14
C ASP A 70 -12.23 -0.56 32.22
N ILE A 71 -12.65 -1.81 32.23
CA ILE A 71 -12.24 -2.76 33.25
C ILE A 71 -10.76 -3.04 33.44
N HIS A 72 -9.99 -2.87 32.37
CA HIS A 72 -8.56 -3.14 32.38
C HIS A 72 -7.67 -1.99 32.84
N LEU A 73 -8.25 -0.80 32.97
CA LEU A 73 -7.47 0.37 33.36
C LEU A 73 -7.51 0.72 34.85
N VAL A 74 -6.39 1.23 35.32
CA VAL A 74 -6.22 1.67 36.71
C VAL A 74 -5.73 3.12 36.65
N PRO A 75 -6.66 4.08 36.81
CA PRO A 75 -6.29 5.51 36.77
C PRO A 75 -5.64 6.05 38.03
N PHE A 76 -4.83 7.09 37.88
CA PHE A 76 -4.21 7.74 39.02
C PHE A 76 -5.29 8.63 39.63
N GLU A 77 -5.22 8.83 40.94
CA GLU A 77 -6.18 9.69 41.62
C GLU A 77 -5.47 10.80 42.36
N THR A 78 -6.07 11.99 42.36
CA THR A 78 -5.47 13.08 43.09
C THR A 78 -6.55 13.97 43.69
N ARG A 79 -6.20 14.71 44.72
CA ARG A 79 -7.16 15.58 45.39
C ARG A 79 -6.94 17.03 45.00
N PHE A 80 -8.03 17.72 44.68
CA PHE A 80 -8.00 19.13 44.28
C PHE A 80 -8.67 19.98 45.35
N VAL A 81 -8.01 21.06 45.76
CA VAL A 81 -8.57 21.95 46.78
C VAL A 81 -9.90 22.57 46.31
N GLY A 82 -10.04 22.69 44.99
CA GLY A 82 -11.26 23.26 44.42
C GLY A 82 -11.57 24.66 44.94
N PRO A 83 -12.79 25.17 44.73
CA PRO A 83 -13.16 26.50 45.20
C PRO A 83 -12.86 26.69 46.68
N GLY A 84 -12.34 27.85 47.05
CA GLY A 84 -12.00 28.12 48.43
C GLY A 84 -13.08 27.78 49.45
N HIS A 85 -14.35 27.79 49.03
CA HIS A 85 -15.44 27.49 49.95
C HIS A 85 -15.72 26.00 50.15
N SER A 86 -15.49 25.22 49.10
CA SER A 86 -15.74 23.79 49.12
C SER A 86 -14.82 22.94 49.98
N GLN A 87 -15.13 21.65 50.02
CA GLN A 87 -14.36 20.67 50.76
C GLN A 87 -13.33 20.06 49.80
N GLY A 88 -13.31 20.56 48.57
CA GLY A 88 -12.39 20.04 47.57
C GLY A 88 -13.03 18.95 46.74
N MET A 89 -12.23 18.27 45.91
CA MET A 89 -12.78 17.20 45.09
C MET A 89 -11.70 16.26 44.59
N ASN A 90 -12.14 15.09 44.18
CA ASN A 90 -11.22 14.09 43.68
C ASN A 90 -11.12 14.29 42.18
N LEU A 91 -9.94 14.08 41.66
CA LEU A 91 -9.68 14.22 40.24
C LEU A 91 -8.98 12.95 39.78
N TRP A 92 -9.13 12.62 38.50
CA TRP A 92 -8.49 11.43 37.97
C TRP A 92 -7.62 11.88 36.81
N LEU A 93 -6.41 11.34 36.72
CA LEU A 93 -5.51 11.70 35.62
C LEU A 93 -6.07 10.96 34.41
N MET A 94 -5.97 11.56 33.24
CA MET A 94 -6.51 10.98 32.01
C MET A 94 -5.69 9.84 31.40
N THR A 95 -6.35 8.70 31.19
CA THR A 95 -5.73 7.52 30.61
C THR A 95 -5.57 7.66 29.11
N SER A 96 -6.37 8.55 28.53
CA SER A 96 -6.38 8.87 27.09
C SER A 96 -7.29 10.09 27.00
N PRO A 97 -7.05 10.97 26.02
CA PRO A 97 -7.92 12.15 25.95
C PRO A 97 -9.24 11.96 25.22
N GLU A 98 -9.58 10.71 24.92
CA GLU A 98 -10.81 10.42 24.17
C GLU A 98 -12.11 11.13 24.55
N TYR A 99 -12.47 11.12 25.83
CA TYR A 99 -13.74 11.73 26.23
C TYR A 99 -13.83 13.22 25.95
N HIS A 100 -12.75 13.96 26.19
CA HIS A 100 -12.77 15.39 25.91
C HIS A 100 -12.72 15.66 24.41
N MET A 101 -11.99 14.83 23.67
CA MET A 101 -11.93 15.04 22.23
C MET A 101 -13.28 14.75 21.59
N LYS A 102 -14.00 13.77 22.12
CA LYS A 102 -15.33 13.49 21.62
C LYS A 102 -16.27 14.67 21.93
N ARG A 103 -16.10 15.29 23.09
CA ARG A 103 -16.94 16.45 23.42
C ARG A 103 -16.62 17.60 22.45
N LEU A 104 -15.36 17.73 22.06
CA LEU A 104 -15.00 18.78 21.10
C LEU A 104 -15.62 18.48 19.74
N LEU A 105 -15.67 17.20 19.36
CA LEU A 105 -16.26 16.85 18.07
C LEU A 105 -17.74 17.27 18.05
N VAL A 106 -18.46 16.99 19.14
CA VAL A 106 -19.86 17.38 19.24
C VAL A 106 -19.98 18.92 19.13
N ALA A 107 -18.97 19.62 19.63
CA ALA A 107 -18.98 21.08 19.58
C ALA A 107 -18.55 21.64 18.22
N GLY A 108 -18.26 20.74 17.26
CA GLY A 108 -17.86 21.15 15.92
C GLY A 108 -16.40 21.43 15.60
N CYS A 109 -15.47 20.79 16.31
CA CYS A 109 -14.05 21.04 16.05
C CYS A 109 -13.49 20.48 14.73
N GLY A 110 -14.22 19.55 14.10
CA GLY A 110 -13.75 18.96 12.87
C GLY A 110 -12.64 17.97 13.18
N PRO A 111 -11.89 17.49 12.15
CA PRO A 111 -10.80 16.53 12.35
C PRO A 111 -9.75 17.15 13.26
N VAL A 112 -9.33 16.41 14.28
CA VAL A 112 -8.36 16.91 15.25
C VAL A 112 -7.42 15.82 15.73
N PHE A 113 -6.23 16.21 16.18
CA PHE A 113 -5.28 15.28 16.77
C PHE A 113 -4.73 15.96 18.01
N GLN A 114 -4.04 15.19 18.84
CA GLN A 114 -3.43 15.69 20.06
C GLN A 114 -2.22 14.83 20.37
N LEU A 115 -1.17 15.50 20.87
CA LEU A 115 0.05 14.86 21.29
C LEU A 115 0.09 15.25 22.78
N CYS A 116 -0.51 14.42 23.61
CA CYS A 116 -0.60 14.71 25.02
C CYS A 116 0.17 13.70 25.88
N ARG A 117 0.28 14.02 27.16
CA ARG A 117 0.89 13.11 28.11
C ARG A 117 -0.35 12.41 28.69
N SER A 118 -0.35 11.08 28.66
CA SER A 118 -1.43 10.27 29.20
C SER A 118 -0.91 9.55 30.44
N PHE A 119 -1.82 9.14 31.32
CA PHE A 119 -1.42 8.53 32.58
C PHE A 119 -2.14 7.25 32.94
N ARG A 120 -1.38 6.25 33.37
CA ARG A 120 -1.98 4.97 33.79
C ARG A 120 -1.15 4.42 34.92
N ASN A 121 -1.83 4.11 36.01
CA ASN A 121 -1.16 3.61 37.19
C ASN A 121 -0.78 2.15 37.02
N GLU A 122 0.31 1.94 36.31
CA GLU A 122 0.83 0.62 36.09
C GLU A 122 2.36 0.64 36.10
N GLU A 123 2.89 -0.49 36.55
CA GLU A 123 4.32 -0.69 36.69
C GLU A 123 5.14 -0.31 35.45
N MET A 124 6.30 0.27 35.69
CA MET A 124 7.20 0.63 34.59
C MET A 124 7.66 -0.70 33.98
N GLY A 125 7.78 -0.74 32.66
CA GLY A 125 8.21 -1.94 32.00
C GLY A 125 9.04 -1.60 30.79
N ARG A 126 9.51 -2.62 30.09
CA ARG A 126 10.30 -2.42 28.89
C ARG A 126 9.52 -1.58 27.88
N TYR A 127 8.22 -1.80 27.80
CA TYR A 127 7.37 -1.09 26.86
C TYR A 127 6.27 -0.26 27.51
N HIS A 128 6.42 0.03 28.79
CA HIS A 128 5.42 0.80 29.54
C HIS A 128 6.04 1.80 30.51
N ASN A 129 5.39 2.94 30.62
CA ASN A 129 5.77 3.96 31.59
C ASN A 129 4.43 4.50 32.07
N PRO A 130 4.29 4.80 33.37
CA PRO A 130 3.02 5.31 33.92
C PRO A 130 2.54 6.60 33.28
N GLU A 131 3.45 7.35 32.69
CA GLU A 131 3.06 8.54 31.94
C GLU A 131 3.78 8.37 30.61
N PHE A 132 3.03 8.52 29.54
CA PHE A 132 3.61 8.33 28.21
C PHE A 132 2.94 9.30 27.27
N THR A 133 3.47 9.42 26.06
CA THR A 133 2.88 10.36 25.11
C THR A 133 1.95 9.64 24.14
N MET A 134 0.72 10.14 24.03
CA MET A 134 -0.24 9.55 23.13
C MET A 134 -0.45 10.46 21.94
N LEU A 135 -0.64 9.85 20.77
CA LEU A 135 -0.97 10.61 19.56
C LEU A 135 -2.38 10.06 19.34
N GLU A 136 -3.39 10.89 19.52
CA GLU A 136 -4.75 10.41 19.35
C GLU A 136 -5.48 11.40 18.46
N TRP A 137 -6.19 10.86 17.46
CA TRP A 137 -6.92 11.74 16.54
C TRP A 137 -8.23 11.15 16.06
N TYR A 138 -9.09 12.04 15.58
CA TYR A 138 -10.43 11.70 15.10
C TYR A 138 -10.70 12.25 13.72
N ARG A 139 -11.36 11.43 12.91
CA ARG A 139 -11.67 11.79 11.54
C ARG A 139 -13.16 11.70 11.24
N PRO A 140 -13.85 12.85 11.19
CA PRO A 140 -15.28 12.80 10.90
C PRO A 140 -15.50 12.24 9.50
N HIS A 141 -16.54 11.44 9.35
CA HIS A 141 -16.91 10.85 8.05
C HIS A 141 -15.92 9.84 7.47
N TYR A 142 -15.05 9.29 8.32
CA TYR A 142 -14.09 8.28 7.90
C TYR A 142 -14.56 6.95 8.45
N ASP A 143 -14.65 5.90 7.63
CA ASP A 143 -15.02 4.61 8.19
C ASP A 143 -13.72 4.06 8.76
N MET A 144 -13.75 2.96 9.49
CA MET A 144 -12.50 2.50 10.08
C MET A 144 -11.38 2.12 9.12
N TYR A 145 -11.70 1.75 7.88
CA TYR A 145 -10.64 1.36 6.95
C TYR A 145 -9.92 2.61 6.44
N ARG A 146 -10.68 3.66 6.17
CA ARG A 146 -10.09 4.92 5.73
C ARG A 146 -9.13 5.40 6.82
N LEU A 147 -9.57 5.32 8.08
CA LEU A 147 -8.70 5.76 9.16
C LEU A 147 -7.46 4.87 9.25
N MET A 148 -7.63 3.55 9.14
CA MET A 148 -6.46 2.67 9.22
C MET A 148 -5.45 3.04 8.11
N ASN A 149 -5.95 3.38 6.92
CA ASN A 149 -5.07 3.76 5.80
C ASN A 149 -4.20 4.96 6.21
N GLU A 150 -4.79 5.89 6.95
CA GLU A 150 -4.05 7.08 7.41
C GLU A 150 -3.00 6.71 8.46
N VAL A 151 -3.34 5.79 9.35
CA VAL A 151 -2.39 5.35 10.36
C VAL A 151 -1.22 4.66 9.63
N ASP A 152 -1.58 3.85 8.63
CA ASP A 152 -0.62 3.12 7.80
C ASP A 152 0.34 4.14 7.17
N ASP A 153 -0.23 5.20 6.58
CA ASP A 153 0.60 6.24 5.95
C ASP A 153 1.55 6.87 6.99
N LEU A 154 1.07 7.07 8.20
CA LEU A 154 1.94 7.67 9.22
C LEU A 154 3.10 6.74 9.59
N LEU A 155 2.81 5.45 9.75
CA LEU A 155 3.85 4.51 10.13
C LEU A 155 4.92 4.44 9.03
N GLN A 156 4.45 4.37 7.80
CA GLN A 156 5.37 4.30 6.69
C GLN A 156 6.31 5.49 6.71
N GLN A 157 5.77 6.68 6.93
CA GLN A 157 6.58 7.89 6.92
C GLN A 157 7.57 7.98 8.07
N VAL A 158 7.12 7.70 9.29
CA VAL A 158 8.00 7.80 10.45
C VAL A 158 8.99 6.65 10.58
N LEU A 159 8.57 5.45 10.22
CA LEU A 159 9.43 4.28 10.36
C LEU A 159 10.09 3.85 9.06
N ASP A 160 9.64 4.41 7.94
CA ASP A 160 10.22 4.02 6.66
C ASP A 160 10.04 2.52 6.53
N CYS A 161 8.88 2.01 6.95
CA CYS A 161 8.59 0.59 6.88
C CYS A 161 7.63 0.36 5.73
N PRO A 162 7.40 -0.91 5.34
CA PRO A 162 6.50 -1.25 4.24
C PRO A 162 5.04 -0.93 4.58
N ALA A 163 4.20 -0.82 3.56
CA ALA A 163 2.78 -0.56 3.80
C ALA A 163 2.29 -1.73 4.64
N ALA A 164 1.29 -1.52 5.48
CA ALA A 164 0.82 -2.59 6.36
C ALA A 164 -0.08 -3.64 5.73
N GLU A 165 -0.22 -4.73 6.46
CA GLU A 165 -1.09 -5.82 6.06
C GLU A 165 -2.27 -5.76 7.04
N SER A 166 -3.44 -6.16 6.57
CA SER A 166 -4.64 -6.14 7.41
C SER A 166 -5.30 -7.49 7.49
N LEU A 167 -5.53 -7.94 8.73
CA LEU A 167 -6.17 -9.22 9.02
C LEU A 167 -7.36 -9.00 9.95
N SER A 168 -8.47 -9.68 9.69
CA SER A 168 -9.60 -9.55 10.59
C SER A 168 -9.21 -10.42 11.79
N TYR A 169 -9.79 -10.15 12.96
CA TYR A 169 -9.51 -10.93 14.18
C TYR A 169 -9.82 -12.40 13.88
N GLN A 170 -10.94 -12.62 13.21
CA GLN A 170 -11.39 -13.96 12.83
C GLN A 170 -10.33 -14.62 11.96
N GLN A 171 -9.97 -13.94 10.87
CA GLN A 171 -8.96 -14.44 9.94
C GLN A 171 -7.63 -14.69 10.64
N ALA A 172 -7.28 -13.84 11.61
CA ALA A 172 -6.02 -13.99 12.32
C ALA A 172 -6.01 -15.26 13.15
N PHE A 173 -7.17 -15.63 13.67
CA PHE A 173 -7.27 -16.85 14.47
C PHE A 173 -7.38 -18.07 13.57
N LEU A 174 -8.23 -17.97 12.56
CA LEU A 174 -8.44 -19.07 11.61
C LEU A 174 -7.17 -19.54 10.94
N ARG A 175 -6.15 -18.69 10.87
CA ARG A 175 -4.92 -19.09 10.20
C ARG A 175 -3.72 -19.35 11.11
N TYR A 176 -3.65 -18.67 12.25
CA TYR A 176 -2.51 -18.88 13.14
C TYR A 176 -2.83 -19.86 14.25
N LEU A 177 -4.11 -20.18 14.40
CA LEU A 177 -4.54 -21.11 15.44
C LEU A 177 -5.64 -22.03 14.94
N GLU A 178 -5.97 -21.91 13.66
CA GLU A 178 -7.02 -22.73 13.05
C GLU A 178 -8.21 -22.87 13.98
N ILE A 179 -8.98 -21.79 14.12
CA ILE A 179 -10.14 -21.78 14.99
C ILE A 179 -10.97 -20.52 14.73
N ASP A 180 -12.29 -20.64 14.80
CA ASP A 180 -13.16 -19.50 14.57
C ASP A 180 -13.59 -18.87 15.89
N PRO A 181 -13.02 -17.69 16.22
CA PRO A 181 -13.29 -16.93 17.45
C PRO A 181 -14.75 -16.53 17.60
N LEU A 182 -15.39 -16.29 16.48
CA LEU A 182 -16.77 -15.86 16.44
C LEU A 182 -17.75 -17.02 16.62
N SER A 183 -17.21 -18.24 16.62
CA SER A 183 -18.01 -19.45 16.79
C SER A 183 -17.15 -20.52 17.46
N ALA A 184 -16.99 -20.43 18.78
CA ALA A 184 -16.20 -21.39 19.52
C ALA A 184 -16.27 -21.15 21.03
N ASP A 209 -13.70 -15.06 27.18
CA ASP A 209 -13.29 -13.80 26.59
C ASP A 209 -11.91 -13.43 27.09
N THR A 210 -11.66 -13.68 28.38
CA THR A 210 -10.36 -13.40 28.95
C THR A 210 -9.46 -14.46 28.35
N LEU A 211 -10.10 -15.55 27.92
CA LEU A 211 -9.40 -16.66 27.29
C LEU A 211 -8.86 -16.17 25.96
N LEU A 212 -9.76 -15.67 25.11
CA LEU A 212 -9.37 -15.15 23.80
C LEU A 212 -8.16 -14.23 23.91
N GLN A 213 -8.19 -13.34 24.89
CA GLN A 213 -7.09 -12.40 25.11
C GLN A 213 -5.80 -13.11 25.49
N LEU A 214 -5.93 -14.28 26.12
CA LEU A 214 -4.77 -15.07 26.50
C LEU A 214 -4.28 -15.79 25.26
N LEU A 215 -5.21 -16.17 24.39
CA LEU A 215 -4.85 -16.84 23.14
C LEU A 215 -4.24 -15.84 22.17
N PHE A 216 -4.89 -14.70 22.02
CA PHE A 216 -4.38 -13.66 21.12
C PHE A 216 -2.94 -13.31 21.50
N THR A 217 -2.73 -13.04 22.78
CA THR A 217 -1.42 -12.69 23.30
C THR A 217 -0.32 -13.71 23.01
N PHE A 218 -0.63 -14.99 23.18
CA PHE A 218 0.38 -16.03 22.96
C PHE A 218 0.29 -16.73 21.61
N GLY A 219 -0.91 -16.77 21.03
CA GLY A 219 -1.08 -17.45 19.76
C GLY A 219 -1.16 -16.58 18.50
N VAL A 220 -1.32 -15.27 18.68
CA VAL A 220 -1.41 -14.38 17.52
C VAL A 220 -0.32 -13.33 17.50
N GLU A 221 -0.24 -12.52 18.56
CA GLU A 221 0.77 -11.47 18.64
C GLU A 221 2.17 -11.93 18.25
N PRO A 222 2.59 -13.09 18.77
CA PRO A 222 3.93 -13.59 18.45
C PRO A 222 4.25 -13.75 16.97
N ASN A 223 3.24 -13.94 16.11
CA ASN A 223 3.55 -14.12 14.71
C ASN A 223 3.00 -13.08 13.73
N ILE A 224 2.68 -11.89 14.22
CA ILE A 224 2.20 -10.85 13.31
C ILE A 224 3.14 -9.65 13.34
N GLY A 225 3.01 -8.80 12.33
CA GLY A 225 3.83 -7.61 12.24
C GLY A 225 5.33 -7.82 12.21
N LYS A 226 5.78 -8.92 11.62
CA LYS A 226 7.20 -9.22 11.55
C LYS A 226 7.94 -8.42 10.48
N GLU A 227 7.43 -8.43 9.25
CA GLU A 227 8.09 -7.73 8.15
C GLU A 227 7.47 -6.38 7.83
N LYS A 228 6.26 -6.17 8.33
CA LYS A 228 5.54 -4.93 8.11
C LYS A 228 4.49 -4.84 9.20
N PRO A 229 3.97 -3.63 9.46
CA PRO A 229 2.96 -3.57 10.52
C PRO A 229 1.73 -4.42 10.17
N THR A 230 1.06 -4.92 11.19
CA THR A 230 -0.15 -5.72 10.99
C THR A 230 -1.35 -5.15 11.72
N PHE A 231 -2.39 -4.81 10.97
CA PHE A 231 -3.63 -4.33 11.55
C PHE A 231 -4.53 -5.54 11.75
N VAL A 232 -5.11 -5.67 12.94
CA VAL A 232 -6.06 -6.75 13.22
C VAL A 232 -7.36 -6.00 13.50
N TYR A 233 -8.38 -6.23 12.69
CA TYR A 233 -9.64 -5.54 12.88
C TYR A 233 -10.84 -6.47 13.12
N HIS A 234 -11.98 -5.88 13.47
CA HIS A 234 -13.20 -6.64 13.77
C HIS A 234 -13.02 -7.55 14.96
N PHE A 235 -12.67 -6.96 16.10
CA PHE A 235 -12.51 -7.73 17.33
C PHE A 235 -13.91 -8.16 17.71
N PRO A 236 -14.02 -9.11 18.63
CA PRO A 236 -15.32 -9.60 19.10
C PRO A 236 -16.19 -8.44 19.63
N ALA A 237 -17.49 -8.49 19.36
CA ALA A 237 -18.41 -7.43 19.82
C ALA A 237 -18.25 -7.24 21.33
N SER A 238 -17.84 -8.32 21.99
CA SER A 238 -17.62 -8.34 23.43
C SER A 238 -16.50 -7.41 23.84
N GLN A 239 -15.61 -7.10 22.91
CA GLN A 239 -14.47 -6.22 23.18
C GLN A 239 -14.56 -4.95 22.34
N ALA A 240 -15.78 -4.49 22.13
CA ALA A 240 -16.02 -3.31 21.33
C ALA A 240 -15.48 -2.01 21.94
N SER A 241 -15.34 -1.99 23.27
CA SER A 241 -14.88 -0.77 23.95
C SER A 241 -15.86 0.37 23.63
N LEU A 242 -15.40 1.42 22.96
CA LEU A 242 -16.27 2.54 22.61
C LEU A 242 -16.52 2.51 21.10
N ALA A 243 -16.32 1.35 20.49
CA ALA A 243 -16.53 1.18 19.06
C ALA A 243 -17.94 0.71 18.75
N GLN A 244 -18.45 1.07 17.58
CA GLN A 244 -19.78 0.63 17.17
C GLN A 244 -19.69 -0.87 16.94
N ILE A 245 -20.78 -1.57 17.19
CA ILE A 245 -20.81 -2.98 16.93
C ILE A 245 -21.24 -3.04 15.46
N SER A 246 -20.62 -3.90 14.68
CA SER A 246 -20.94 -3.99 13.27
C SER A 246 -22.39 -4.37 13.01
N THR A 247 -23.02 -3.68 12.06
CA THR A 247 -24.39 -4.01 11.71
C THR A 247 -24.43 -5.10 10.64
N GLU A 248 -23.29 -5.35 9.97
CA GLU A 248 -23.27 -6.41 8.96
C GLU A 248 -23.03 -7.75 9.63
N ASP A 249 -22.33 -7.74 10.75
CA ASP A 249 -22.04 -8.96 11.52
C ASP A 249 -21.96 -8.55 13.00
N HIS A 250 -23.08 -8.73 13.71
CA HIS A 250 -23.20 -8.36 15.13
C HIS A 250 -22.20 -9.03 16.06
N ARG A 251 -21.49 -10.04 15.56
CA ARG A 251 -20.51 -10.73 16.38
C ARG A 251 -19.19 -9.97 16.48
N VAL A 252 -19.05 -8.90 15.71
CA VAL A 252 -17.83 -8.12 15.73
C VAL A 252 -18.07 -6.63 15.91
N ALA A 253 -17.05 -5.94 16.42
CA ALA A 253 -17.11 -4.51 16.62
C ALA A 253 -16.14 -3.84 15.66
N GLU A 254 -16.43 -2.59 15.29
CA GLU A 254 -15.58 -1.84 14.37
C GLU A 254 -14.39 -1.24 15.09
N ARG A 255 -13.50 -2.13 15.51
CA ARG A 255 -12.30 -1.76 16.23
C ARG A 255 -11.09 -2.46 15.62
N PHE A 256 -9.95 -1.79 15.69
CA PHE A 256 -8.71 -2.36 15.18
C PHE A 256 -7.53 -1.98 16.06
N GLU A 257 -6.49 -2.80 16.00
CA GLU A 257 -5.25 -2.53 16.70
C GLU A 257 -4.18 -2.73 15.64
N VAL A 258 -3.00 -2.12 15.82
CA VAL A 258 -1.93 -2.32 14.85
C VAL A 258 -0.67 -2.70 15.60
N TYR A 259 0.00 -3.73 15.09
CA TYR A 259 1.22 -4.25 15.71
C TYR A 259 2.38 -4.25 14.74
N TYR A 260 3.58 -4.07 15.28
CA TYR A 260 4.78 -4.08 14.47
C TYR A 260 6.00 -4.41 15.32
N LYS A 261 6.84 -5.31 14.78
CA LYS A 261 8.04 -5.75 15.47
C LYS A 261 7.74 -6.21 16.90
N GLY A 262 6.55 -6.78 17.09
CA GLY A 262 6.17 -7.28 18.41
C GLY A 262 5.62 -6.26 19.37
N ILE A 263 5.45 -5.02 18.90
CA ILE A 263 4.95 -3.94 19.75
C ILE A 263 3.54 -3.54 19.38
N GLU A 264 2.68 -3.36 20.38
CA GLU A 264 1.32 -2.91 20.09
C GLU A 264 1.44 -1.39 19.96
N LEU A 265 1.20 -0.87 18.76
CA LEU A 265 1.33 0.56 18.52
C LEU A 265 0.08 1.44 18.64
N ALA A 266 -1.08 0.93 18.24
CA ALA A 266 -2.29 1.75 18.28
C ALA A 266 -3.58 0.94 18.42
N ASN A 267 -4.67 1.66 18.69
CA ASN A 267 -5.99 1.06 18.90
C ASN A 267 -7.02 2.09 18.44
N GLY A 268 -7.87 1.73 17.48
CA GLY A 268 -8.86 2.68 16.96
C GLY A 268 -10.23 2.09 16.70
N PHE A 269 -11.24 2.95 16.56
CA PHE A 269 -12.61 2.50 16.34
C PHE A 269 -13.40 3.36 15.37
N HIS A 270 -14.48 2.80 14.84
CA HIS A 270 -15.42 3.61 14.07
C HIS A 270 -16.22 3.90 15.36
N GLU A 271 -16.32 5.17 15.73
CA GLU A 271 -16.94 5.57 17.00
C GLU A 271 -18.42 5.37 17.30
N LEU A 272 -18.70 4.86 18.50
CA LEU A 272 -20.09 4.69 18.95
C LEU A 272 -20.62 6.09 19.25
N THR A 273 -21.74 6.46 18.65
CA THR A 273 -22.29 7.77 18.88
C THR A 273 -23.63 7.75 19.63
N ASP A 274 -24.17 6.56 19.86
CA ASP A 274 -25.44 6.44 20.56
C ASP A 274 -25.23 6.63 22.06
N ALA A 275 -25.72 7.73 22.60
CA ALA A 275 -25.57 8.02 24.02
C ALA A 275 -26.11 6.93 24.93
N ARG A 276 -27.30 6.41 24.62
CA ARG A 276 -27.88 5.39 25.47
C ARG A 276 -27.11 4.09 25.48
N GLU A 277 -26.65 3.65 24.31
CA GLU A 277 -25.89 2.41 24.25
C GLU A 277 -24.55 2.58 24.96
N GLN A 278 -23.94 3.76 24.83
CA GLN A 278 -22.65 4.01 25.48
C GLN A 278 -22.80 3.98 27.00
N GLN A 279 -23.87 4.59 27.50
CA GLN A 279 -24.12 4.62 28.92
C GLN A 279 -24.30 3.19 29.43
N GLN A 280 -25.02 2.38 28.67
CA GLN A 280 -25.26 0.99 29.07
C GLN A 280 -23.96 0.21 29.16
N ARG A 281 -23.05 0.44 28.24
CA ARG A 281 -21.77 -0.26 28.28
C ARG A 281 -20.96 0.15 29.51
N PHE A 282 -21.00 1.43 29.86
CA PHE A 282 -20.24 1.87 31.03
C PHE A 282 -20.79 1.21 32.29
N GLU A 283 -22.13 1.08 32.37
CA GLU A 283 -22.73 0.45 33.55
C GLU A 283 -22.32 -1.02 33.55
N GLN A 284 -22.25 -1.61 32.36
CA GLN A 284 -21.84 -3.00 32.19
C GLN A 284 -20.41 -3.09 32.76
N ASP A 285 -19.59 -2.11 32.39
CA ASP A 285 -18.21 -2.05 32.86
C ASP A 285 -18.14 -2.09 34.38
N ASN A 286 -18.95 -1.25 35.04
CA ASN A 286 -18.91 -1.20 36.49
C ASN A 286 -19.41 -2.47 37.18
N ARG A 287 -20.40 -3.14 36.58
CA ARG A 287 -20.88 -4.37 37.19
C ARG A 287 -19.78 -5.42 37.13
N LYS A 288 -19.07 -5.47 36.01
CA LYS A 288 -17.98 -6.43 35.86
C LYS A 288 -16.87 -6.12 36.86
N ARG A 289 -16.57 -4.84 37.04
CA ARG A 289 -15.56 -4.44 38.02
C ARG A 289 -15.96 -4.94 39.38
N ALA A 290 -17.23 -4.73 39.74
CA ALA A 290 -17.74 -5.16 41.04
C ALA A 290 -17.59 -6.68 41.16
N ALA A 291 -17.90 -7.39 40.08
CA ALA A 291 -17.80 -8.84 40.04
C ALA A 291 -16.36 -9.31 40.24
N ARG A 292 -15.41 -8.49 39.79
CA ARG A 292 -13.99 -8.82 39.91
C ARG A 292 -13.34 -8.20 41.14
N GLY A 293 -14.14 -7.60 42.02
CA GLY A 293 -13.59 -6.99 43.21
C GLY A 293 -12.80 -5.71 42.95
N LEU A 294 -13.06 -5.09 41.79
CA LEU A 294 -12.38 -3.85 41.41
C LEU A 294 -13.31 -2.67 41.73
N PRO A 295 -12.75 -1.48 41.98
CA PRO A 295 -13.57 -0.31 42.28
C PRO A 295 -14.50 0.05 41.13
N GLN A 296 -15.67 0.61 41.46
CA GLN A 296 -16.63 1.05 40.45
C GLN A 296 -16.34 2.54 40.25
N HIS A 297 -16.23 2.95 39.00
CA HIS A 297 -15.89 4.33 38.69
C HIS A 297 -17.04 5.22 38.25
N PRO A 298 -16.97 6.52 38.63
CA PRO A 298 -18.04 7.45 38.24
C PRO A 298 -17.97 7.60 36.72
N ILE A 299 -19.12 7.57 36.09
CA ILE A 299 -19.23 7.69 34.67
C ILE A 299 -19.22 9.16 34.28
N ASP A 300 -18.49 9.45 33.21
CA ASP A 300 -18.36 10.82 32.72
C ASP A 300 -19.68 11.30 32.10
N GLN A 301 -20.46 12.04 32.89
CA GLN A 301 -21.75 12.55 32.44
C GLN A 301 -21.58 13.55 31.30
N ASN A 302 -20.46 14.28 31.28
CA ASN A 302 -20.23 15.25 30.21
C ASN A 302 -20.12 14.56 28.87
N LEU A 303 -19.47 13.41 28.84
CA LEU A 303 -19.36 12.67 27.58
C LEU A 303 -20.76 12.25 27.11
N ILE A 304 -21.53 11.60 27.99
CA ILE A 304 -22.87 11.15 27.63
C ILE A 304 -23.76 12.31 27.17
N GLU A 305 -23.77 13.42 27.92
CA GLU A 305 -24.58 14.56 27.53
C GLU A 305 -24.15 15.12 26.18
N ALA A 306 -22.86 15.08 25.88
CA ALA A 306 -22.40 15.56 24.58
C ALA A 306 -22.94 14.59 23.50
N LEU A 307 -22.84 13.29 23.74
CA LEU A 307 -23.34 12.31 22.77
C LEU A 307 -24.84 12.48 22.53
N LYS A 308 -25.57 12.95 23.56
CA LYS A 308 -27.00 13.16 23.42
C LYS A 308 -27.26 14.28 22.44
N VAL A 309 -26.40 15.29 22.46
CA VAL A 309 -26.55 16.40 21.55
C VAL A 309 -26.25 15.94 20.14
N GLY A 310 -25.28 15.04 20.02
CA GLY A 310 -24.95 14.50 18.71
C GLY A 310 -23.51 14.66 18.24
N MET A 311 -22.79 13.56 18.21
CA MET A 311 -21.42 13.59 17.75
C MET A 311 -21.43 13.16 16.28
N PRO A 312 -20.70 13.87 15.42
CA PRO A 312 -20.69 13.47 14.01
C PRO A 312 -20.12 12.07 13.81
N ASP A 313 -20.57 11.38 12.77
CA ASP A 313 -20.06 10.04 12.49
C ASP A 313 -18.55 10.22 12.30
N CYS A 314 -17.76 9.40 12.96
CA CYS A 314 -16.31 9.51 12.86
C CYS A 314 -15.58 8.28 13.33
N SER A 315 -14.30 8.22 13.01
CA SER A 315 -13.46 7.13 13.46
C SER A 315 -12.30 7.80 14.18
N GLY A 316 -11.79 7.14 15.22
CA GLY A 316 -10.67 7.69 15.97
C GLY A 316 -9.65 6.64 16.29
N VAL A 317 -8.45 7.08 16.66
CA VAL A 317 -7.39 6.14 16.97
C VAL A 317 -6.34 6.77 17.91
N ALA A 318 -5.83 5.95 18.82
CA ALA A 318 -4.82 6.37 19.79
C ALA A 318 -3.55 5.55 19.60
N LEU A 319 -2.42 6.23 19.45
CA LEU A 319 -1.14 5.55 19.22
C LEU A 319 -0.09 5.95 20.25
N GLY A 320 0.70 4.97 20.67
CA GLY A 320 1.75 5.25 21.65
C GLY A 320 2.95 5.85 20.96
N VAL A 321 3.14 7.17 21.14
CA VAL A 321 4.27 7.85 20.49
C VAL A 321 5.62 7.33 20.98
N ASP A 322 5.74 7.05 22.27
CA ASP A 322 7.02 6.54 22.77
C ASP A 322 7.40 5.21 22.13
N ARG A 323 6.41 4.33 21.95
CA ARG A 323 6.70 3.05 21.31
C ARG A 323 7.11 3.26 19.85
N LEU A 324 6.43 4.20 19.18
CA LEU A 324 6.74 4.52 17.80
C LEU A 324 8.17 5.05 17.66
N VAL A 325 8.55 5.93 18.58
CA VAL A 325 9.88 6.52 18.57
C VAL A 325 10.93 5.48 18.90
N MET A 326 10.59 4.55 19.78
CA MET A 326 11.51 3.49 20.18
C MET A 326 11.86 2.69 18.91
N LEU A 327 10.85 2.33 18.13
CA LEU A 327 11.09 1.58 16.90
C LEU A 327 11.88 2.44 15.90
N ALA A 328 11.48 3.70 15.72
CA ALA A 328 12.18 4.57 14.78
C ALA A 328 13.66 4.70 15.08
N LEU A 329 14.00 4.79 16.36
CA LEU A 329 15.38 4.96 16.74
C LEU A 329 16.10 3.66 17.00
N GLY A 330 15.35 2.55 16.98
CA GLY A 330 15.96 1.25 17.26
C GLY A 330 16.37 1.16 18.71
N ALA A 331 15.65 1.85 19.59
CA ALA A 331 15.97 1.81 21.01
C ALA A 331 15.43 0.51 21.58
N GLU A 332 16.05 0.02 22.65
CA GLU A 332 15.65 -1.24 23.26
C GLU A 332 14.48 -1.14 24.23
N THR A 333 14.40 -0.02 24.94
CA THR A 333 13.35 0.19 25.93
C THR A 333 12.71 1.56 25.81
N LEU A 334 11.52 1.72 26.38
CA LEU A 334 10.83 2.99 26.34
C LEU A 334 11.68 4.02 27.08
N ALA A 335 12.31 3.59 28.17
CA ALA A 335 13.14 4.51 28.98
C ALA A 335 14.21 5.23 28.14
N GLU A 336 14.69 4.57 27.09
CA GLU A 336 15.70 5.14 26.23
C GLU A 336 15.21 6.25 25.32
N VAL A 337 13.90 6.45 25.23
CA VAL A 337 13.37 7.52 24.39
C VAL A 337 12.55 8.56 25.18
N ILE A 338 12.49 8.40 26.50
CA ILE A 338 11.75 9.30 27.37
C ILE A 338 12.82 9.95 28.24
N ALA A 339 12.82 11.27 28.34
CA ALA A 339 13.88 11.96 29.11
C ALA A 339 14.16 11.35 30.47
N PHE A 340 13.11 11.08 31.22
CA PHE A 340 13.26 10.49 32.55
C PHE A 340 12.13 9.49 32.81
N SER A 341 12.44 8.20 32.71
CA SER A 341 11.45 7.16 32.98
C SER A 341 11.10 7.35 34.46
N VAL A 342 9.96 6.84 34.89
CA VAL A 342 9.50 7.05 36.27
C VAL A 342 10.48 6.70 37.40
N ASP A 343 11.31 5.69 37.20
CA ASP A 343 12.29 5.32 38.22
C ASP A 343 13.28 6.46 38.47
N ARG A 344 13.45 7.33 37.48
CA ARG A 344 14.38 8.45 37.61
C ARG A 344 13.68 9.81 37.78
N ALA A 345 12.39 9.86 37.50
CA ALA A 345 11.66 11.12 37.56
C ALA A 345 11.57 11.78 38.94
N GLU B 23 -23.44 29.14 32.30
CA GLU B 23 -24.20 29.46 31.06
C GLU B 23 -24.39 28.26 30.14
N THR B 24 -23.40 27.98 29.30
CA THR B 24 -23.52 26.83 28.40
C THR B 24 -23.58 25.54 29.21
N ALA B 25 -24.17 24.50 28.61
CA ALA B 25 -24.26 23.22 29.28
C ALA B 25 -22.83 22.74 29.58
N SER B 26 -22.68 22.09 30.74
CA SER B 26 -21.40 21.56 31.22
C SER B 26 -20.55 20.76 30.20
N TRP B 27 -21.20 19.97 29.35
CA TRP B 27 -20.49 19.17 28.38
C TRP B 27 -19.64 19.98 27.40
N GLN B 28 -20.07 21.21 27.10
CA GLN B 28 -19.34 22.04 26.15
C GLN B 28 -17.96 22.51 26.60
N PRO B 29 -17.06 22.73 25.63
CA PRO B 29 -15.72 23.20 25.99
C PRO B 29 -15.87 24.64 26.47
N SER B 30 -14.93 25.11 27.30
CA SER B 30 -15.00 26.47 27.78
C SER B 30 -14.42 27.42 26.72
N ALA B 31 -13.66 26.87 25.78
CA ALA B 31 -13.07 27.68 24.71
C ALA B 31 -13.83 27.46 23.43
N SER B 32 -14.04 28.53 22.66
CA SER B 32 -14.76 28.42 21.39
C SER B 32 -13.89 27.67 20.38
N ILE B 33 -14.50 27.11 19.34
CA ILE B 33 -13.73 26.42 18.32
C ILE B 33 -12.74 27.40 17.68
N PRO B 34 -13.19 28.60 17.32
CA PRO B 34 -12.25 29.54 16.72
C PRO B 34 -11.04 29.79 17.65
N ASN B 35 -11.28 29.90 18.95
CA ASN B 35 -10.15 30.13 19.86
C ASN B 35 -9.19 28.95 19.90
N LEU B 36 -9.71 27.73 19.78
CA LEU B 36 -8.84 26.57 19.78
C LEU B 36 -7.96 26.59 18.53
N LEU B 37 -8.51 27.02 17.40
CA LEU B 37 -7.72 27.09 16.18
C LEU B 37 -6.65 28.18 16.30
N LYS B 38 -7.03 29.32 16.88
CA LYS B 38 -6.09 30.42 17.01
C LYS B 38 -5.02 30.07 18.02
N ARG B 39 -5.38 29.31 19.04
CA ARG B 39 -4.40 28.89 20.03
C ARG B 39 -3.40 27.97 19.35
N ALA B 40 -3.89 27.03 18.55
CA ALA B 40 -2.99 26.12 17.85
C ALA B 40 -2.03 26.90 16.94
N ALA B 41 -2.49 27.99 16.34
CA ALA B 41 -1.63 28.79 15.47
C ALA B 41 -0.53 29.44 16.29
N ILE B 42 -0.89 29.93 17.47
CA ILE B 42 0.09 30.56 18.34
C ILE B 42 1.12 29.51 18.82
N MET B 43 0.66 28.32 19.15
CA MET B 43 1.59 27.27 19.58
C MET B 43 2.58 26.99 18.46
N ALA B 44 2.10 26.89 17.23
CA ALA B 44 3.01 26.65 16.10
C ALA B 44 3.99 27.83 15.91
N GLU B 45 3.53 29.05 16.17
CA GLU B 45 4.35 30.27 16.05
C GLU B 45 5.47 30.25 17.08
N ILE B 46 5.14 29.83 18.29
CA ILE B 46 6.12 29.73 19.36
C ILE B 46 7.15 28.67 18.99
N ARG B 47 6.70 27.55 18.44
CA ARG B 47 7.66 26.50 18.04
C ARG B 47 8.58 27.02 16.92
N ARG B 48 8.02 27.77 15.97
CA ARG B 48 8.84 28.31 14.88
C ARG B 48 9.89 29.29 15.41
N PHE B 49 9.48 30.08 16.40
CA PHE B 49 10.35 31.08 17.01
C PHE B 49 11.61 30.43 17.59
N PHE B 50 11.44 29.29 18.25
CA PHE B 50 12.57 28.58 18.86
C PHE B 50 13.35 27.74 17.84
N ALA B 51 12.64 27.19 16.85
CA ALA B 51 13.28 26.41 15.80
C ALA B 51 14.23 27.33 15.01
N ASP B 52 13.77 28.56 14.77
CA ASP B 52 14.56 29.54 14.03
C ASP B 52 15.75 30.04 14.83
N ARG B 53 15.73 29.83 16.14
CA ARG B 53 16.85 30.25 16.97
C ARG B 53 17.67 29.05 17.42
N GLY B 54 17.35 27.89 16.87
CA GLY B 54 18.08 26.67 17.19
C GLY B 54 17.92 26.09 18.59
N VAL B 55 16.79 26.38 19.24
CA VAL B 55 16.54 25.86 20.60
C VAL B 55 15.75 24.56 20.47
N LEU B 56 16.28 23.49 21.05
CA LEU B 56 15.67 22.15 20.98
C LEU B 56 14.48 21.93 21.90
N GLU B 57 13.43 21.31 21.38
CA GLU B 57 12.26 21.05 22.22
C GLU B 57 12.46 19.74 23.00
N VAL B 58 12.05 19.74 24.26
CA VAL B 58 12.15 18.54 25.07
C VAL B 58 10.87 18.34 25.86
N GLU B 59 10.70 17.13 26.36
CA GLU B 59 9.53 16.75 27.14
C GLU B 59 10.07 16.06 28.38
N THR B 60 9.68 16.55 29.55
CA THR B 60 10.14 15.94 30.80
C THR B 60 8.89 15.49 31.55
N PRO B 61 9.06 14.74 32.66
CA PRO B 61 7.95 14.23 33.45
C PRO B 61 6.91 15.19 33.98
N CYS B 62 5.66 14.72 34.04
CA CYS B 62 4.57 15.49 34.66
C CYS B 62 4.47 14.96 36.10
N MET B 63 5.12 13.83 36.39
CA MET B 63 5.08 13.25 37.74
C MET B 63 6.49 13.00 38.23
N SER B 64 6.70 13.10 39.53
CA SER B 64 8.04 12.89 40.07
C SER B 64 8.00 12.30 41.46
N GLN B 65 9.11 11.70 41.88
CA GLN B 65 9.21 11.12 43.21
C GLN B 65 9.59 12.26 44.16
N ALA B 66 9.97 13.40 43.57
CA ALA B 66 10.31 14.57 44.36
C ALA B 66 9.44 15.76 43.96
N THR B 67 9.51 16.83 44.73
CA THR B 67 8.73 18.03 44.46
C THR B 67 9.57 19.28 44.73
N VAL B 68 8.91 20.42 44.89
CA VAL B 68 9.62 21.66 45.13
C VAL B 68 9.40 22.14 46.56
N THR B 69 10.36 22.88 47.11
CA THR B 69 10.20 23.40 48.47
C THR B 69 9.68 24.83 48.46
N ASP B 70 9.65 25.45 47.29
CA ASP B 70 9.14 26.82 47.16
C ASP B 70 7.94 26.94 48.10
N ILE B 71 8.01 27.90 49.02
CA ILE B 71 6.95 28.07 49.99
C ILE B 71 5.56 28.46 49.49
N HIS B 72 5.48 29.03 48.28
CA HIS B 72 4.18 29.48 47.78
C HIS B 72 3.36 28.46 46.98
N LEU B 73 3.92 27.29 46.73
CA LEU B 73 3.25 26.29 45.90
C LEU B 73 2.69 25.09 46.66
N VAL B 74 1.57 24.57 46.17
CA VAL B 74 0.94 23.40 46.75
C VAL B 74 0.86 22.39 45.61
N PRO B 75 1.73 21.38 45.61
CA PRO B 75 1.65 20.43 44.50
C PRO B 75 0.57 19.37 44.67
N PHE B 76 0.11 18.82 43.55
CA PHE B 76 -0.86 17.74 43.58
C PHE B 76 -0.06 16.49 43.98
N GLU B 77 -0.74 15.53 44.61
CA GLU B 77 -0.13 14.29 45.07
C GLU B 77 -0.96 13.15 44.54
N THR B 78 -0.29 12.06 44.16
CA THR B 78 -1.00 10.91 43.68
C THR B 78 -0.22 9.67 44.07
N ARG B 79 -0.88 8.51 44.09
CA ARG B 79 -0.22 7.27 44.47
C ARG B 79 0.08 6.40 43.24
N PHE B 80 1.29 5.87 43.18
CA PHE B 80 1.74 5.02 42.08
C PHE B 80 1.94 3.59 42.62
N VAL B 81 1.51 2.57 41.87
CA VAL B 81 1.68 1.19 42.35
C VAL B 81 3.14 0.87 42.60
N GLY B 82 4.03 1.59 41.91
CA GLY B 82 5.45 1.38 42.11
C GLY B 82 6.00 0.10 41.51
N PRO B 83 7.31 -0.16 41.64
CA PRO B 83 7.92 -1.36 41.09
C PRO B 83 7.50 -2.68 41.75
N GLY B 84 7.90 -3.77 41.07
CA GLY B 84 7.62 -5.12 41.52
C GLY B 84 6.59 -5.40 42.62
N HIS B 85 7.08 -5.63 43.83
CA HIS B 85 6.19 -5.96 44.94
C HIS B 85 6.08 -4.84 45.98
N SER B 86 6.46 -3.64 45.60
CA SER B 86 6.42 -2.51 46.52
C SER B 86 5.06 -2.24 47.16
N GLN B 87 5.11 -1.47 48.24
CA GLN B 87 3.96 -1.03 49.00
C GLN B 87 3.30 0.12 48.23
N GLY B 88 3.98 0.60 47.19
CA GLY B 88 3.46 1.71 46.41
C GLY B 88 4.33 2.91 46.74
N MET B 89 4.09 4.04 46.10
CA MET B 89 4.88 5.24 46.38
C MET B 89 4.15 6.51 45.97
N ASN B 90 4.46 7.59 46.67
CA ASN B 90 3.86 8.87 46.37
C ASN B 90 4.58 9.52 45.20
N LEU B 91 3.81 10.20 44.36
CA LEU B 91 4.37 10.90 43.20
C LEU B 91 3.75 12.29 43.32
N TRP B 92 4.50 13.32 42.93
CA TRP B 92 3.97 14.68 42.96
C TRP B 92 3.83 15.12 41.50
N LEU B 93 2.80 15.89 41.16
CA LEU B 93 2.66 16.38 39.80
C LEU B 93 3.61 17.58 39.72
N MET B 94 4.22 17.81 38.57
CA MET B 94 5.19 18.90 38.42
C MET B 94 4.58 20.31 38.30
N THR B 95 5.07 21.23 39.13
CA THR B 95 4.58 22.60 39.14
C THR B 95 5.21 23.43 38.02
N SER B 96 6.37 22.95 37.56
CA SER B 96 7.14 23.54 36.48
C SER B 96 8.20 22.49 36.14
N PRO B 97 8.62 22.41 34.87
CA PRO B 97 9.62 21.41 34.48
C PRO B 97 11.08 21.74 34.84
N GLU B 98 11.28 22.86 35.52
CA GLU B 98 12.62 23.33 35.88
C GLU B 98 13.65 22.32 36.39
N TYR B 99 13.30 21.53 37.40
CA TYR B 99 14.29 20.61 37.94
C TYR B 99 14.77 19.60 36.91
N HIS B 100 13.85 19.04 36.12
CA HIS B 100 14.24 18.07 35.09
C HIS B 100 15.00 18.72 33.96
N MET B 101 14.66 19.95 33.63
CA MET B 101 15.37 20.63 32.55
C MET B 101 16.78 20.97 32.98
N LYS B 102 16.98 21.25 34.25
CA LYS B 102 18.32 21.55 34.73
C LYS B 102 19.11 20.23 34.73
N ARG B 103 18.46 19.12 35.09
CA ARG B 103 19.15 17.84 35.03
C ARG B 103 19.60 17.61 33.57
N LEU B 104 18.74 17.92 32.60
CA LEU B 104 19.10 17.74 31.18
C LEU B 104 20.28 18.64 30.78
N LEU B 105 20.30 19.86 31.31
CA LEU B 105 21.38 20.80 30.98
C LEU B 105 22.72 20.25 31.48
N VAL B 106 22.72 19.72 32.69
CA VAL B 106 23.94 19.15 33.23
C VAL B 106 24.33 17.97 32.34
N ALA B 107 23.33 17.28 31.80
CA ALA B 107 23.56 16.14 30.93
C ALA B 107 24.02 16.52 29.52
N GLY B 108 24.10 17.83 29.25
CA GLY B 108 24.55 18.29 27.93
C GLY B 108 23.52 18.50 26.84
N CYS B 109 22.27 18.80 27.19
CA CYS B 109 21.23 18.99 26.18
C CYS B 109 21.36 20.28 25.37
N GLY B 110 22.03 21.27 25.92
CA GLY B 110 22.16 22.54 25.22
C GLY B 110 20.92 23.38 25.41
N PRO B 111 20.79 24.51 24.69
CA PRO B 111 19.61 25.37 24.83
C PRO B 111 18.35 24.59 24.50
N VAL B 112 17.38 24.61 25.41
CA VAL B 112 16.14 23.85 25.21
C VAL B 112 14.86 24.56 25.67
N PHE B 113 13.74 24.22 25.04
CA PHE B 113 12.47 24.78 25.50
C PHE B 113 11.49 23.65 25.63
N GLN B 114 10.42 23.91 26.38
CA GLN B 114 9.38 22.91 26.56
C GLN B 114 8.01 23.58 26.65
N LEU B 115 7.03 22.94 26.02
CA LEU B 115 5.62 23.37 26.03
C LEU B 115 4.91 22.21 26.73
N CYS B 116 4.83 22.29 28.06
CA CYS B 116 4.26 21.21 28.86
C CYS B 116 3.03 21.61 29.64
N ARG B 117 2.34 20.59 30.17
CA ARG B 117 1.20 20.85 31.03
C ARG B 117 1.85 20.87 32.41
N SER B 118 1.56 21.89 33.19
CA SER B 118 2.10 22.00 34.54
C SER B 118 0.90 21.97 35.48
N PHE B 119 1.13 21.58 36.72
CA PHE B 119 0.06 21.40 37.69
C PHE B 119 0.28 22.08 39.04
N ARG B 120 -0.75 22.76 39.54
CA ARG B 120 -0.64 23.41 40.84
C ARG B 120 -1.98 23.28 41.52
N ASN B 121 -1.98 22.75 42.72
CA ASN B 121 -3.24 22.57 43.43
C ASN B 121 -3.75 23.89 43.97
N GLU B 122 -4.40 24.67 43.12
CA GLU B 122 -4.97 25.95 43.51
C GLU B 122 -6.25 26.20 42.73
N GLU B 123 -7.18 26.89 43.38
CA GLU B 123 -8.46 27.13 42.77
C GLU B 123 -8.42 27.86 41.45
N MET B 124 -9.41 27.53 40.65
CA MET B 124 -9.60 28.13 39.36
C MET B 124 -9.95 29.60 39.58
N GLY B 125 -9.50 30.44 38.67
CA GLY B 125 -9.80 31.85 38.77
C GLY B 125 -9.81 32.39 37.36
N ARG B 126 -10.08 33.67 37.22
CA ARG B 126 -10.11 34.30 35.92
C ARG B 126 -8.79 34.09 35.19
N TYR B 127 -7.69 34.03 35.95
CA TYR B 127 -6.38 33.87 35.32
C TYR B 127 -5.61 32.63 35.78
N HIS B 128 -6.32 31.70 36.42
CA HIS B 128 -5.65 30.50 36.92
C HIS B 128 -6.45 29.24 36.65
N ASN B 129 -5.75 28.16 36.35
CA ASN B 129 -6.38 26.85 36.19
C ASN B 129 -5.38 25.93 36.88
N PRO B 130 -5.87 24.92 37.64
CA PRO B 130 -4.93 24.01 38.33
C PRO B 130 -3.96 23.26 37.41
N GLU B 131 -4.31 23.14 36.13
CA GLU B 131 -3.37 22.58 35.16
C GLU B 131 -3.34 23.64 34.06
N PHE B 132 -2.13 24.00 33.61
CA PHE B 132 -1.97 25.02 32.59
C PHE B 132 -0.74 24.69 31.77
N THR B 133 -0.59 25.37 30.64
CA THR B 133 0.52 25.11 29.74
C THR B 133 1.67 26.06 30.01
N MET B 134 2.84 25.51 30.28
CA MET B 134 3.98 26.37 30.53
C MET B 134 4.91 26.34 29.33
N LEU B 135 5.56 27.47 29.05
CA LEU B 135 6.59 27.55 28.01
C LEU B 135 7.81 27.88 28.88
N GLU B 136 8.75 26.94 29.00
CA GLU B 136 9.92 27.19 29.84
C GLU B 136 11.15 26.84 29.02
N TRP B 137 12.13 27.73 29.02
CA TRP B 137 13.32 27.45 28.24
C TRP B 137 14.58 27.96 28.92
N TYR B 138 15.69 27.34 28.55
CA TYR B 138 17.00 27.63 29.10
C TYR B 138 18.03 27.96 28.02
N ARG B 139 18.87 28.93 28.33
CA ARG B 139 19.87 29.42 27.40
C ARG B 139 21.28 29.48 27.97
N PRO B 140 22.10 28.46 27.69
CA PRO B 140 23.46 28.51 28.22
C PRO B 140 24.16 29.75 27.64
N HIS B 141 25.05 30.31 28.45
CA HIS B 141 25.81 31.51 28.08
C HIS B 141 25.04 32.82 27.96
N TYR B 142 23.74 32.81 28.29
CA TYR B 142 22.97 34.05 28.27
C TYR B 142 22.89 34.57 29.71
N ASP B 143 23.06 35.87 29.89
CA ASP B 143 22.95 36.46 31.20
C ASP B 143 21.48 36.91 31.27
N MET B 144 21.06 37.42 32.41
CA MET B 144 19.66 37.83 32.58
C MET B 144 19.10 38.83 31.57
N TYR B 145 19.88 39.86 31.24
CA TYR B 145 19.42 40.88 30.31
C TYR B 145 19.23 40.32 28.91
N ARG B 146 20.16 39.46 28.51
CA ARG B 146 20.13 38.81 27.21
C ARG B 146 18.84 38.00 27.08
N LEU B 147 18.51 37.25 28.13
CA LEU B 147 17.30 36.43 28.14
C LEU B 147 16.07 37.35 28.09
N MET B 148 16.09 38.41 28.89
CA MET B 148 14.97 39.35 28.87
C MET B 148 14.71 39.86 27.46
N ASN B 149 15.76 40.20 26.72
CA ASN B 149 15.59 40.69 25.36
C ASN B 149 14.92 39.64 24.47
N GLU B 150 15.24 38.37 24.68
CA GLU B 150 14.63 37.32 23.89
C GLU B 150 13.15 37.19 24.24
N VAL B 151 12.83 37.29 25.53
CA VAL B 151 11.42 37.22 25.98
C VAL B 151 10.67 38.40 25.36
N ASP B 152 11.33 39.55 25.36
CA ASP B 152 10.78 40.79 24.80
C ASP B 152 10.42 40.53 23.34
N ASP B 153 11.33 39.89 22.60
CA ASP B 153 11.13 39.57 21.21
C ASP B 153 9.93 38.65 20.99
N LEU B 154 9.79 37.64 21.84
CA LEU B 154 8.68 36.70 21.73
C LEU B 154 7.35 37.39 21.97
N LEU B 155 7.29 38.24 22.99
CA LEU B 155 6.06 38.96 23.31
C LEU B 155 5.63 39.89 22.18
N GLN B 156 6.58 40.65 21.65
CA GLN B 156 6.29 41.58 20.56
C GLN B 156 5.74 40.81 19.36
N GLN B 157 6.34 39.65 19.09
CA GLN B 157 5.87 38.88 17.95
C GLN B 157 4.47 38.28 18.08
N VAL B 158 4.22 37.48 19.12
CA VAL B 158 2.88 36.90 19.21
C VAL B 158 1.80 37.90 19.62
N LEU B 159 2.17 38.89 20.41
CA LEU B 159 1.19 39.87 20.88
C LEU B 159 1.10 41.11 19.98
N ASP B 160 2.15 41.35 19.20
CA ASP B 160 2.25 42.53 18.34
C ASP B 160 2.09 43.75 19.22
N CYS B 161 2.82 43.74 20.33
CA CYS B 161 2.79 44.82 21.29
C CYS B 161 4.13 45.56 21.19
N PRO B 162 4.22 46.75 21.80
CA PRO B 162 5.50 47.47 21.72
C PRO B 162 6.62 46.82 22.55
N ALA B 163 7.85 47.22 22.27
CA ALA B 163 9.01 46.73 23.00
C ALA B 163 8.72 46.99 24.47
N ALA B 164 9.21 46.15 25.35
CA ALA B 164 8.96 46.29 26.77
C ALA B 164 9.78 47.32 27.54
N GLU B 165 9.27 47.67 28.71
CA GLU B 165 9.92 48.59 29.63
C GLU B 165 10.52 47.65 30.66
N SER B 166 11.67 48.01 31.23
CA SER B 166 12.29 47.20 32.27
C SER B 166 12.45 48.13 33.47
N LEU B 167 12.07 47.63 34.64
CA LEU B 167 12.13 48.41 35.86
C LEU B 167 12.68 47.52 36.98
N SER B 168 13.61 48.04 37.77
CA SER B 168 14.17 47.27 38.86
C SER B 168 13.12 47.20 39.95
N TYR B 169 13.18 46.13 40.73
CA TYR B 169 12.25 45.93 41.84
C TYR B 169 12.30 47.19 42.73
N GLN B 170 13.50 47.63 43.08
CA GLN B 170 13.66 48.82 43.91
C GLN B 170 13.02 50.07 43.28
N GLN B 171 13.29 50.29 42.00
CA GLN B 171 12.72 51.45 41.29
C GLN B 171 11.21 51.40 41.22
N ALA B 172 10.64 50.20 41.06
CA ALA B 172 9.20 50.03 40.99
C ALA B 172 8.55 50.48 42.31
N PHE B 173 9.16 50.07 43.41
CA PHE B 173 8.68 50.43 44.74
C PHE B 173 8.77 51.94 45.01
N LEU B 174 9.89 52.54 44.65
CA LEU B 174 10.08 53.96 44.86
C LEU B 174 9.07 54.79 44.08
N ARG B 175 8.88 54.44 42.82
CA ARG B 175 7.96 55.15 41.94
C ARG B 175 6.48 55.04 42.29
N TYR B 176 6.04 53.87 42.75
CA TYR B 176 4.63 53.70 43.08
C TYR B 176 4.32 53.72 44.57
N LEU B 177 5.32 53.50 45.41
CA LEU B 177 5.08 53.47 46.84
C LEU B 177 6.00 54.42 47.61
N GLU B 178 6.85 55.13 46.88
CA GLU B 178 7.78 56.07 47.48
C GLU B 178 8.49 55.46 48.68
N ILE B 179 9.02 54.26 48.48
CA ILE B 179 9.74 53.57 49.53
C ILE B 179 10.82 52.67 48.91
N ASP B 180 11.89 52.42 49.65
CA ASP B 180 12.98 51.59 49.19
C ASP B 180 12.88 50.21 49.85
N PRO B 181 12.51 49.17 49.08
CA PRO B 181 12.35 47.81 49.61
C PRO B 181 13.64 47.15 50.03
N LEU B 182 14.77 47.73 49.63
CA LEU B 182 16.05 47.16 49.98
C LEU B 182 16.55 47.68 51.32
N SER B 183 15.96 48.77 51.80
CA SER B 183 16.39 49.35 53.06
C SER B 183 15.26 49.67 54.04
N ALA B 184 14.08 49.98 53.52
CA ALA B 184 12.95 50.32 54.36
C ALA B 184 12.83 49.43 55.60
N ASP B 185 12.37 50.03 56.69
CA ASP B 185 12.19 49.34 57.96
C ASP B 185 10.88 48.56 57.96
N LYS B 186 10.81 47.53 58.80
CA LYS B 186 9.62 46.70 58.91
C LYS B 186 8.43 47.62 59.24
N THR B 187 8.65 48.50 60.20
CA THR B 187 7.63 49.45 60.64
C THR B 187 7.19 50.32 59.47
N GLN B 188 8.17 50.87 58.75
CA GLN B 188 7.90 51.71 57.59
C GLN B 188 7.07 50.97 56.56
N LEU B 189 7.36 49.69 56.36
CA LEU B 189 6.62 48.89 55.39
C LEU B 189 5.14 48.79 55.77
N ARG B 190 4.86 48.60 57.06
CA ARG B 190 3.48 48.50 57.53
C ARG B 190 2.73 49.82 57.36
N GLU B 191 3.47 50.92 57.41
CA GLU B 191 2.88 52.24 57.26
C GLU B 191 2.36 52.44 55.85
N GLU B 205 2.27 40.55 60.85
CA GLU B 205 3.29 40.02 59.96
C GLU B 205 4.68 40.48 60.35
N GLU B 206 5.51 39.54 60.77
CA GLU B 206 6.87 39.87 61.15
C GLU B 206 7.85 39.48 60.05
N ASP B 207 7.32 38.82 59.01
CA ASP B 207 8.12 38.39 57.88
C ASP B 207 8.24 39.47 56.81
N ARG B 208 9.46 39.96 56.63
CA ARG B 208 9.75 41.02 55.68
C ARG B 208 9.33 40.75 54.23
N ASP B 209 9.67 39.57 53.69
CA ASP B 209 9.29 39.28 52.32
C ASP B 209 7.79 39.22 52.10
N THR B 210 7.06 38.66 53.06
CA THR B 210 5.62 38.60 52.93
C THR B 210 5.09 40.03 52.88
N LEU B 211 5.68 40.90 53.69
CA LEU B 211 5.28 42.30 53.70
C LEU B 211 5.57 42.90 52.33
N LEU B 212 6.79 42.69 51.82
CA LEU B 212 7.15 43.22 50.51
C LEU B 212 6.25 42.66 49.41
N GLN B 213 5.94 41.37 49.46
CA GLN B 213 5.09 40.77 48.43
C GLN B 213 3.69 41.37 48.52
N LEU B 214 3.25 41.65 49.74
CA LEU B 214 1.94 42.24 49.95
C LEU B 214 1.93 43.61 49.25
N LEU B 215 2.93 44.42 49.54
CA LEU B 215 3.04 45.74 48.94
C LEU B 215 3.17 45.66 47.41
N PHE B 216 3.91 44.68 46.92
CA PHE B 216 4.08 44.52 45.48
C PHE B 216 2.74 44.15 44.83
N THR B 217 2.05 43.17 45.42
CA THR B 217 0.78 42.72 44.88
C THR B 217 -0.27 43.83 44.80
N PHE B 218 -0.48 44.55 45.89
CA PHE B 218 -1.48 45.62 45.89
C PHE B 218 -0.97 47.02 45.59
N GLY B 219 0.33 47.24 45.69
CA GLY B 219 0.85 48.58 45.45
C GLY B 219 1.59 48.81 44.14
N VAL B 220 2.21 47.76 43.60
CA VAL B 220 2.96 47.91 42.35
C VAL B 220 2.26 47.31 41.15
N GLU B 221 2.01 46.02 41.22
CA GLU B 221 1.36 45.27 40.15
C GLU B 221 0.23 45.99 39.40
N PRO B 222 -0.76 46.53 40.12
CA PRO B 222 -1.88 47.24 39.47
C PRO B 222 -1.49 48.45 38.65
N ASN B 223 -0.28 48.97 38.87
CA ASN B 223 0.16 50.16 38.16
C ASN B 223 1.06 49.94 36.95
N ILE B 224 1.62 48.74 36.79
CA ILE B 224 2.54 48.49 35.69
C ILE B 224 1.99 47.76 34.47
N GLY B 225 2.82 47.66 33.44
CA GLY B 225 2.44 46.98 32.21
C GLY B 225 1.13 47.43 31.59
N LYS B 226 0.83 48.72 31.66
CA LYS B 226 -0.44 49.20 31.12
C LYS B 226 -0.40 49.50 29.62
N GLU B 227 0.68 50.14 29.17
CA GLU B 227 0.84 50.48 27.76
C GLU B 227 1.71 49.46 27.02
N LYS B 228 2.61 48.84 27.77
CA LYS B 228 3.52 47.87 27.18
C LYS B 228 3.94 46.91 28.30
N PRO B 229 4.48 45.74 27.95
CA PRO B 229 4.90 44.81 29.00
C PRO B 229 6.00 45.41 29.85
N THR B 230 5.95 45.13 31.14
CA THR B 230 6.92 45.65 32.08
C THR B 230 7.74 44.52 32.70
N PHE B 231 9.06 44.61 32.55
CA PHE B 231 9.92 43.63 33.16
C PHE B 231 10.37 44.22 34.49
N VAL B 232 10.12 43.51 35.58
CA VAL B 232 10.57 43.97 36.89
C VAL B 232 11.72 43.04 37.21
N TYR B 233 12.92 43.59 37.37
CA TYR B 233 14.07 42.73 37.64
C TYR B 233 14.81 43.09 38.91
N HIS B 234 15.75 42.22 39.28
CA HIS B 234 16.52 42.41 40.50
C HIS B 234 15.66 42.40 41.75
N PHE B 235 15.03 41.26 42.01
CA PHE B 235 14.20 41.09 43.18
C PHE B 235 15.11 40.99 44.40
N PRO B 236 14.55 41.17 45.60
CA PRO B 236 15.38 41.08 46.80
C PRO B 236 16.03 39.69 46.89
N ALA B 237 17.24 39.64 47.45
CA ALA B 237 17.99 38.41 47.59
C ALA B 237 17.17 37.28 48.22
N SER B 238 16.38 37.62 49.22
CA SER B 238 15.58 36.63 49.92
C SER B 238 14.56 35.95 49.01
N GLN B 239 14.23 36.60 47.90
CA GLN B 239 13.26 36.06 46.94
C GLN B 239 13.99 35.61 45.68
N ALA B 240 15.21 35.13 45.87
CA ALA B 240 16.04 34.68 44.77
C ALA B 240 15.52 33.40 44.10
N SER B 241 14.76 32.58 44.84
CA SER B 241 14.27 31.32 44.31
C SER B 241 15.50 30.52 43.84
N LEU B 242 15.62 30.17 42.56
CA LEU B 242 16.81 29.45 42.13
C LEU B 242 17.73 30.32 41.28
N ALA B 243 17.66 31.64 41.52
CA ALA B 243 18.49 32.58 40.78
C ALA B 243 19.77 32.93 41.52
N GLN B 244 20.77 33.31 40.73
CA GLN B 244 22.07 33.71 41.24
C GLN B 244 21.91 35.09 41.86
N ILE B 245 22.68 35.37 42.92
CA ILE B 245 22.64 36.68 43.58
C ILE B 245 23.49 37.64 42.75
N SER B 246 23.09 38.91 42.69
CA SER B 246 23.84 39.90 41.92
C SER B 246 25.28 40.07 42.39
N THR B 247 26.20 40.22 41.45
CA THR B 247 27.61 40.41 41.78
C THR B 247 27.88 41.87 42.14
N GLU B 248 27.06 42.77 41.61
CA GLU B 248 27.21 44.20 41.86
C GLU B 248 26.57 44.63 43.17
N ASP B 249 25.45 44.00 43.52
CA ASP B 249 24.73 44.34 44.74
C ASP B 249 24.15 43.07 45.38
N HIS B 250 24.82 42.62 46.44
CA HIS B 250 24.43 41.41 47.18
C HIS B 250 22.99 41.39 47.68
N ARG B 251 22.35 42.55 47.77
CA ARG B 251 20.97 42.68 48.25
C ARG B 251 19.93 42.23 47.22
N VAL B 252 20.37 42.02 45.99
CA VAL B 252 19.46 41.65 44.92
C VAL B 252 19.83 40.35 44.18
N ALA B 253 18.82 39.69 43.63
CA ALA B 253 19.01 38.45 42.88
C ALA B 253 18.72 38.66 41.39
N GLU B 254 19.40 37.88 40.56
CA GLU B 254 19.22 38.00 39.11
C GLU B 254 17.95 37.27 38.65
N ARG B 255 16.83 37.80 39.11
CA ARG B 255 15.51 37.28 38.77
C ARG B 255 14.66 38.40 38.18
N PHE B 256 13.76 38.04 37.27
CA PHE B 256 12.87 39.03 36.66
C PHE B 256 11.51 38.41 36.42
N GLU B 257 10.50 39.28 36.38
CA GLU B 257 9.13 38.86 36.10
C GLU B 257 8.58 39.83 35.08
N VAL B 258 7.67 39.32 34.26
CA VAL B 258 7.04 40.11 33.20
C VAL B 258 5.56 40.26 33.48
N TYR B 259 5.10 41.50 33.42
CA TYR B 259 3.71 41.84 33.65
C TYR B 259 3.16 42.62 32.47
N TYR B 260 1.93 42.33 32.07
CA TYR B 260 1.32 43.05 30.96
C TYR B 260 -0.19 43.01 31.06
N LYS B 261 -0.80 44.18 30.91
CA LYS B 261 -2.25 44.34 30.99
C LYS B 261 -2.83 43.72 32.25
N GLY B 262 -2.10 43.84 33.35
CA GLY B 262 -2.54 43.29 34.63
C GLY B 262 -2.25 41.81 34.87
N ILE B 263 -1.67 41.14 33.88
CA ILE B 263 -1.38 39.71 33.99
C ILE B 263 0.10 39.41 34.17
N GLU B 264 0.43 38.56 35.14
CA GLU B 264 1.82 38.16 35.34
C GLU B 264 2.04 37.09 34.24
N LEU B 265 3.02 37.32 33.38
CA LEU B 265 3.28 36.40 32.27
C LEU B 265 4.47 35.45 32.37
N ALA B 266 5.56 35.91 32.97
CA ALA B 266 6.75 35.07 33.07
C ALA B 266 7.60 35.37 34.29
N ASN B 267 8.53 34.47 34.55
CA ASN B 267 9.44 34.56 35.68
C ASN B 267 10.72 33.87 35.21
N GLY B 268 11.84 34.59 35.27
CA GLY B 268 13.12 34.05 34.84
C GLY B 268 14.32 34.42 35.70
N PHE B 269 15.38 33.64 35.59
CA PHE B 269 16.59 33.85 36.38
C PHE B 269 17.88 33.70 35.60
N HIS B 270 18.96 34.22 36.17
CA HIS B 270 20.29 33.96 35.66
C HIS B 270 20.39 32.83 36.70
N GLU B 271 20.53 31.60 36.24
CA GLU B 271 20.50 30.43 37.13
C GLU B 271 21.61 30.20 38.14
N LEU B 272 21.22 29.77 39.34
CA LEU B 272 22.18 29.43 40.38
C LEU B 272 22.79 28.08 39.98
N THR B 273 24.12 28.02 39.91
CA THR B 273 24.80 26.77 39.56
C THR B 273 25.54 26.16 40.76
N ASP B 274 25.59 26.87 41.88
CA ASP B 274 26.26 26.39 43.09
C ASP B 274 25.34 25.42 43.84
N ALA B 275 25.69 24.14 43.81
CA ALA B 275 24.86 23.13 44.46
C ALA B 275 24.72 23.35 45.95
N ARG B 276 25.78 23.78 46.61
CA ARG B 276 25.73 24.02 48.05
C ARG B 276 24.74 25.12 48.43
N GLU B 277 24.81 26.24 47.73
CA GLU B 277 23.87 27.32 48.01
C GLU B 277 22.45 26.85 47.69
N GLN B 278 22.29 26.09 46.60
CA GLN B 278 20.96 25.62 46.22
C GLN B 278 20.37 24.69 47.29
N GLN B 279 21.20 23.78 47.79
CA GLN B 279 20.77 22.86 48.83
C GLN B 279 20.35 23.69 50.04
N GLN B 280 21.18 24.66 50.39
CA GLN B 280 20.90 25.52 51.53
C GLN B 280 19.58 26.26 51.40
N ARG B 281 19.29 26.78 50.22
CA ARG B 281 18.03 27.51 50.03
C ARG B 281 16.80 26.60 50.20
N PHE B 282 16.93 25.34 49.81
CA PHE B 282 15.81 24.42 49.95
C PHE B 282 15.58 24.15 51.44
N GLU B 283 16.68 24.06 52.19
CA GLU B 283 16.60 23.84 53.63
C GLU B 283 15.91 25.05 54.25
N GLN B 284 16.27 26.25 53.77
CA GLN B 284 15.65 27.47 54.27
C GLN B 284 14.15 27.45 53.97
N ASP B 285 13.81 26.96 52.78
CA ASP B 285 12.40 26.88 52.38
C ASP B 285 11.61 26.06 53.39
N ASN B 286 12.13 24.88 53.72
CA ASN B 286 11.44 24.01 54.64
C ASN B 286 11.33 24.61 56.04
N ARG B 287 12.36 25.34 56.44
CA ARG B 287 12.34 25.99 57.75
C ARG B 287 11.18 26.99 57.76
N LYS B 288 11.08 27.78 56.70
CA LYS B 288 10.01 28.76 56.59
C LYS B 288 8.66 28.06 56.52
N ARG B 289 8.58 26.95 55.80
CA ARG B 289 7.34 26.21 55.72
C ARG B 289 6.92 25.81 57.13
N ALA B 290 7.80 25.08 57.81
CA ALA B 290 7.54 24.62 59.17
C ALA B 290 7.05 25.75 60.08
N ALA B 291 7.79 26.87 60.08
CA ALA B 291 7.42 28.00 60.92
C ALA B 291 6.06 28.57 60.58
N ARG B 292 5.54 28.23 59.40
CA ARG B 292 4.24 28.71 58.95
C ARG B 292 3.19 27.62 59.06
N GLY B 293 3.59 26.47 59.59
CA GLY B 293 2.66 25.37 59.72
C GLY B 293 2.33 24.73 58.39
N LEU B 294 3.29 24.77 57.46
CA LEU B 294 3.07 24.15 56.15
C LEU B 294 3.90 22.87 56.10
N PRO B 295 3.43 21.88 55.36
CA PRO B 295 4.20 20.64 55.28
C PRO B 295 5.59 20.89 54.71
N GLN B 296 6.57 20.09 55.11
CA GLN B 296 7.90 20.27 54.58
C GLN B 296 7.99 19.29 53.43
N HIS B 297 8.78 19.63 52.42
CA HIS B 297 8.91 18.76 51.27
C HIS B 297 10.31 18.19 51.15
N PRO B 298 10.43 16.95 50.67
CA PRO B 298 11.75 16.35 50.52
C PRO B 298 12.54 17.16 49.51
N ILE B 299 13.86 17.21 49.68
CA ILE B 299 14.72 17.93 48.75
C ILE B 299 15.01 16.99 47.58
N ASP B 300 14.87 17.49 46.35
CA ASP B 300 15.12 16.66 45.17
C ASP B 300 16.62 16.38 45.07
N GLN B 301 17.06 15.22 45.54
CA GLN B 301 18.48 14.90 45.49
C GLN B 301 18.98 14.76 44.05
N ASN B 302 18.12 14.39 43.12
CA ASN B 302 18.55 14.28 41.74
C ASN B 302 18.96 15.66 41.20
N LEU B 303 18.25 16.72 41.60
CA LEU B 303 18.64 18.05 41.14
C LEU B 303 19.96 18.45 41.78
N ILE B 304 20.11 18.23 43.09
CA ILE B 304 21.35 18.59 43.76
C ILE B 304 22.56 17.80 43.21
N GLU B 305 22.41 16.50 42.99
CA GLU B 305 23.53 15.73 42.47
C GLU B 305 23.93 16.19 41.07
N ALA B 306 22.95 16.59 40.27
CA ALA B 306 23.23 17.08 38.93
C ALA B 306 24.01 18.39 39.05
N LEU B 307 23.58 19.27 39.95
CA LEU B 307 24.26 20.55 40.13
C LEU B 307 25.69 20.35 40.61
N LYS B 308 25.94 19.25 41.32
CA LYS B 308 27.31 18.99 41.78
C LYS B 308 28.16 18.61 40.56
N VAL B 309 27.61 17.79 39.66
CA VAL B 309 28.34 17.41 38.46
C VAL B 309 28.67 18.68 37.68
N GLY B 310 27.72 19.62 37.67
CA GLY B 310 27.98 20.87 36.98
C GLY B 310 27.04 21.31 35.87
N MET B 311 26.26 22.36 36.15
CA MET B 311 25.33 22.91 35.16
C MET B 311 26.02 24.10 34.50
N PRO B 312 26.05 24.14 33.16
CA PRO B 312 26.69 25.28 32.50
C PRO B 312 25.98 26.57 32.89
N ASP B 313 26.73 27.67 32.97
CA ASP B 313 26.12 28.95 33.32
C ASP B 313 25.01 29.22 32.32
N CYS B 314 23.87 29.68 32.80
CA CYS B 314 22.76 29.91 31.90
C CYS B 314 21.67 30.73 32.58
N SER B 315 20.72 31.18 31.77
CA SER B 315 19.56 31.90 32.27
C SER B 315 18.36 31.14 31.72
N GLY B 316 17.29 31.08 32.52
CA GLY B 316 16.11 30.36 32.08
C GLY B 316 14.85 31.13 32.43
N VAL B 317 13.74 30.79 31.81
CA VAL B 317 12.50 31.51 32.08
C VAL B 317 11.28 30.64 31.79
N ALA B 318 10.20 30.88 32.54
CA ALA B 318 8.95 30.13 32.35
C ALA B 318 7.84 31.15 32.14
N LEU B 319 7.05 30.94 31.09
CA LEU B 319 5.96 31.83 30.76
C LEU B 319 4.64 31.03 30.71
N GLY B 320 3.57 31.64 31.17
CA GLY B 320 2.28 30.97 31.15
C GLY B 320 1.68 31.12 29.77
N VAL B 321 1.69 30.04 29.00
CA VAL B 321 1.15 30.07 27.65
C VAL B 321 -0.34 30.44 27.61
N ASP B 322 -1.16 29.92 28.51
CA ASP B 322 -2.57 30.26 28.47
C ASP B 322 -2.81 31.77 28.64
N ARG B 323 -2.05 32.40 29.54
CA ARG B 323 -2.20 33.83 29.77
C ARG B 323 -1.75 34.61 28.53
N LEU B 324 -0.66 34.19 27.91
CA LEU B 324 -0.18 34.86 26.71
C LEU B 324 -1.22 34.75 25.59
N VAL B 325 -1.82 33.56 25.46
CA VAL B 325 -2.83 33.31 24.43
C VAL B 325 -4.10 34.11 24.71
N MET B 326 -4.46 34.19 25.99
CA MET B 326 -5.64 34.93 26.41
C MET B 326 -5.44 36.38 25.97
N LEU B 327 -4.26 36.93 26.21
CA LEU B 327 -4.00 38.31 25.80
C LEU B 327 -3.95 38.44 24.28
N ALA B 328 -3.33 37.47 23.62
CA ALA B 328 -3.23 37.51 22.17
C ALA B 328 -4.62 37.46 21.51
N LEU B 329 -5.50 36.65 22.06
CA LEU B 329 -6.84 36.48 21.48
C LEU B 329 -7.91 37.42 21.99
N GLY B 330 -7.54 38.32 22.90
CA GLY B 330 -8.51 39.24 23.44
C GLY B 330 -9.55 38.57 24.29
N ALA B 331 -9.21 37.41 24.88
CA ALA B 331 -10.13 36.67 25.75
C ALA B 331 -10.27 37.37 27.11
N GLU B 332 -11.39 37.14 27.78
CA GLU B 332 -11.66 37.73 29.08
C GLU B 332 -11.19 36.85 30.25
N THR B 333 -11.09 35.54 30.03
CA THR B 333 -10.67 34.61 31.07
C THR B 333 -9.76 33.52 30.52
N LEU B 334 -9.03 32.84 31.38
CA LEU B 334 -8.16 31.76 30.96
C LEU B 334 -9.04 30.66 30.36
N ALA B 335 -10.19 30.41 30.99
CA ALA B 335 -11.10 29.36 30.52
C ALA B 335 -11.46 29.48 29.04
N GLU B 336 -11.58 30.70 28.55
CA GLU B 336 -11.90 30.97 27.15
C GLU B 336 -10.86 30.50 26.15
N VAL B 337 -9.65 30.18 26.61
CA VAL B 337 -8.63 29.71 25.69
C VAL B 337 -8.13 28.32 26.05
N ILE B 338 -8.78 27.72 27.05
CA ILE B 338 -8.44 26.37 27.49
C ILE B 338 -9.63 25.49 27.08
N ALA B 339 -9.38 24.41 26.34
CA ALA B 339 -10.48 23.57 25.86
C ALA B 339 -11.51 23.26 26.95
N PHE B 340 -11.05 22.81 28.11
CA PHE B 340 -11.97 22.50 29.22
C PHE B 340 -11.33 22.93 30.53
N SER B 341 -11.75 24.08 31.06
CA SER B 341 -11.23 24.51 32.35
C SER B 341 -11.63 23.44 33.38
N VAL B 342 -10.97 23.40 34.53
CA VAL B 342 -11.24 22.32 35.48
C VAL B 342 -12.67 22.11 35.91
N ASP B 343 -13.47 23.18 35.98
CA ASP B 343 -14.86 23.05 36.40
C ASP B 343 -15.64 22.14 35.45
N ARG B 344 -15.18 22.00 34.21
CA ARG B 344 -15.88 21.13 33.27
C ARG B 344 -15.06 19.96 32.74
N ALA B 345 -13.87 19.75 33.30
CA ALA B 345 -12.98 18.67 32.87
C ALA B 345 -13.43 17.29 33.36
N THR C 24 -2.11 8.31 -38.77
CA THR C 24 -0.92 7.53 -39.22
C THR C 24 -1.33 6.39 -40.15
N ALA C 25 -0.59 6.22 -41.25
CA ALA C 25 -0.88 5.17 -42.22
C ALA C 25 -1.19 3.84 -41.55
N SER C 26 -2.14 3.09 -42.12
CA SER C 26 -2.58 1.81 -41.59
C SER C 26 -1.50 0.73 -41.46
N TRP C 27 -0.46 0.78 -42.30
CA TRP C 27 0.60 -0.22 -42.25
C TRP C 27 1.37 -0.13 -40.94
N GLN C 28 1.46 1.07 -40.40
CA GLN C 28 2.20 1.30 -39.17
C GLN C 28 1.61 0.60 -37.95
N PRO C 29 2.47 0.20 -37.01
CA PRO C 29 1.97 -0.45 -35.79
C PRO C 29 1.26 0.60 -34.94
N SER C 30 0.31 0.17 -34.13
CA SER C 30 -0.39 1.09 -33.24
C SER C 30 0.47 1.43 -32.03
N ALA C 31 1.45 0.59 -31.73
CA ALA C 31 2.33 0.81 -30.60
C ALA C 31 3.66 1.36 -31.12
N SER C 32 4.25 2.30 -30.40
CA SER C 32 5.53 2.86 -30.83
C SER C 32 6.64 1.85 -30.57
N ILE C 33 7.78 1.98 -31.24
CA ILE C 33 8.88 1.06 -31.00
C ILE C 33 9.34 1.15 -29.55
N PRO C 34 9.41 2.37 -28.99
CA PRO C 34 9.84 2.46 -27.60
C PRO C 34 8.87 1.72 -26.66
N ASN C 35 7.58 1.77 -26.96
CA ASN C 35 6.62 1.06 -26.11
C ASN C 35 6.82 -0.46 -26.25
N LEU C 36 7.09 -0.94 -27.46
CA LEU C 36 7.30 -2.37 -27.63
C LEU C 36 8.53 -2.84 -26.88
N LEU C 37 9.54 -1.98 -26.82
CA LEU C 37 10.80 -2.30 -26.12
C LEU C 37 10.51 -2.43 -24.62
N LYS C 38 9.72 -1.48 -24.12
CA LYS C 38 9.32 -1.46 -22.71
C LYS C 38 8.38 -2.62 -22.40
N ARG C 39 7.51 -2.96 -23.34
CA ARG C 39 6.59 -4.07 -23.10
C ARG C 39 7.38 -5.37 -22.98
N ALA C 40 8.40 -5.54 -23.82
CA ALA C 40 9.20 -6.76 -23.75
C ALA C 40 9.90 -6.84 -22.39
N ALA C 41 10.39 -5.71 -21.89
CA ALA C 41 11.06 -5.71 -20.59
C ALA C 41 10.06 -6.07 -19.48
N ILE C 42 8.83 -5.60 -19.60
CA ILE C 42 7.83 -5.92 -18.60
C ILE C 42 7.50 -7.42 -18.65
N MET C 43 7.43 -7.99 -19.86
CA MET C 43 7.17 -9.41 -19.99
C MET C 43 8.30 -10.22 -19.34
N ALA C 44 9.54 -9.79 -19.53
CA ALA C 44 10.67 -10.50 -18.93
C ALA C 44 10.59 -10.36 -17.41
N GLU C 45 10.16 -9.19 -16.96
CA GLU C 45 10.04 -8.93 -15.52
C GLU C 45 8.98 -9.86 -14.90
N ILE C 46 7.88 -10.06 -15.62
CA ILE C 46 6.81 -10.93 -15.14
C ILE C 46 7.35 -12.35 -15.05
N ARG C 47 8.06 -12.78 -16.08
CA ARG C 47 8.61 -14.12 -16.05
C ARG C 47 9.60 -14.31 -14.88
N ARG C 48 10.42 -13.29 -14.59
CA ARG C 48 11.37 -13.44 -13.50
C ARG C 48 10.64 -13.51 -12.16
N PHE C 49 9.54 -12.77 -12.07
CA PHE C 49 8.73 -12.75 -10.86
C PHE C 49 8.23 -14.14 -10.53
N PHE C 50 7.72 -14.85 -11.54
CA PHE C 50 7.24 -16.20 -11.31
C PHE C 50 8.35 -17.23 -11.16
N ALA C 51 9.44 -17.06 -11.89
CA ALA C 51 10.57 -17.98 -11.78
C ALA C 51 11.12 -17.90 -10.36
N ASP C 52 11.16 -16.69 -9.82
CA ASP C 52 11.67 -16.48 -8.47
C ASP C 52 10.75 -17.13 -7.44
N ARG C 53 9.50 -17.39 -7.82
CA ARG C 53 8.56 -18.01 -6.91
C ARG C 53 8.25 -19.47 -7.24
N GLY C 54 9.05 -20.05 -8.14
CA GLY C 54 8.85 -21.45 -8.51
C GLY C 54 7.56 -21.78 -9.23
N VAL C 55 7.02 -20.82 -9.98
CA VAL C 55 5.77 -21.03 -10.70
C VAL C 55 6.13 -21.40 -12.15
N LEU C 56 5.74 -22.60 -12.56
CA LEU C 56 6.04 -23.12 -13.90
C LEU C 56 5.21 -22.52 -15.04
N GLU C 57 5.88 -22.09 -16.11
CA GLU C 57 5.14 -21.54 -17.25
C GLU C 57 4.62 -22.68 -18.13
N VAL C 58 3.37 -22.56 -18.59
CA VAL C 58 2.77 -23.56 -19.46
C VAL C 58 2.08 -22.87 -20.62
N GLU C 59 1.82 -23.63 -21.68
CA GLU C 59 1.14 -23.12 -22.87
C GLU C 59 -0.03 -24.05 -23.16
N THR C 60 -1.25 -23.52 -23.26
CA THR C 60 -2.38 -24.37 -23.56
C THR C 60 -3.00 -23.90 -24.87
N PRO C 61 -3.98 -24.64 -25.40
CA PRO C 61 -4.62 -24.27 -26.68
C PRO C 61 -5.29 -22.90 -26.77
N CYS C 62 -5.26 -22.33 -27.98
CA CYS C 62 -5.99 -21.09 -28.24
C CYS C 62 -7.34 -21.51 -28.84
N MET C 63 -7.45 -22.77 -29.25
CA MET C 63 -8.70 -23.28 -29.83
C MET C 63 -9.14 -24.54 -29.09
N SER C 64 -10.44 -24.71 -28.92
CA SER C 64 -10.99 -25.88 -28.23
C SER C 64 -12.28 -26.35 -28.86
N GLN C 65 -12.64 -27.61 -28.63
CA GLN C 65 -13.89 -28.14 -29.16
C GLN C 65 -15.04 -27.71 -28.26
N ALA C 66 -14.71 -27.10 -27.12
CA ALA C 66 -15.75 -26.61 -26.21
C ALA C 66 -15.51 -25.13 -25.92
N THR C 67 -16.45 -24.50 -25.22
CA THR C 67 -16.30 -23.09 -24.91
C THR C 67 -16.77 -22.81 -23.49
N VAL C 68 -17.04 -21.56 -23.17
CA VAL C 68 -17.50 -21.22 -21.82
C VAL C 68 -18.99 -20.87 -21.82
N THR C 69 -19.66 -21.17 -20.72
CA THR C 69 -21.07 -20.86 -20.61
C THR C 69 -21.28 -19.48 -19.97
N ASP C 70 -20.19 -18.89 -19.46
CA ASP C 70 -20.22 -17.57 -18.83
C ASP C 70 -21.17 -16.65 -19.61
N ILE C 71 -22.22 -16.19 -18.95
CA ILE C 71 -23.25 -15.34 -19.56
C ILE C 71 -22.82 -14.08 -20.30
N HIS C 72 -21.72 -13.51 -19.85
CA HIS C 72 -21.23 -12.24 -20.40
C HIS C 72 -20.28 -12.30 -21.60
N LEU C 73 -19.79 -13.49 -21.93
CA LEU C 73 -18.82 -13.64 -23.02
C LEU C 73 -19.33 -14.14 -24.36
N VAL C 74 -18.73 -13.64 -25.44
CA VAL C 74 -19.08 -14.10 -26.77
C VAL C 74 -17.77 -14.57 -27.40
N PRO C 75 -17.63 -15.88 -27.61
CA PRO C 75 -16.40 -16.41 -28.20
C PRO C 75 -16.36 -16.35 -29.72
N PHE C 76 -15.16 -16.42 -30.28
CA PHE C 76 -15.00 -16.45 -31.72
C PHE C 76 -15.20 -17.93 -32.04
N GLU C 77 -15.64 -18.23 -33.25
CA GLU C 77 -15.84 -19.59 -33.69
C GLU C 77 -15.10 -19.75 -35.00
N THR C 78 -14.60 -20.94 -35.25
CA THR C 78 -13.90 -21.21 -36.48
C THR C 78 -14.07 -22.69 -36.86
N ARG C 79 -13.93 -22.98 -38.14
CA ARG C 79 -14.11 -24.33 -38.64
C ARG C 79 -12.78 -25.04 -38.90
N PHE C 80 -12.68 -26.27 -38.41
CA PHE C 80 -11.48 -27.08 -38.58
C PHE C 80 -11.78 -28.23 -39.56
N VAL C 81 -10.89 -28.45 -40.52
CA VAL C 81 -11.10 -29.52 -41.48
C VAL C 81 -11.17 -30.89 -40.80
N GLY C 82 -10.50 -31.02 -39.66
CA GLY C 82 -10.51 -32.27 -38.94
C GLY C 82 -9.80 -33.44 -39.62
N PRO C 83 -9.96 -34.66 -39.08
CA PRO C 83 -9.35 -35.90 -39.60
C PRO C 83 -9.36 -36.01 -41.12
N GLY C 88 -14.99 -32.33 -40.87
CA GLY C 88 -14.51 -31.21 -40.09
C GLY C 88 -15.27 -31.01 -38.79
N MET C 89 -14.88 -30.01 -38.01
CA MET C 89 -15.54 -29.73 -36.74
C MET C 89 -15.45 -28.28 -36.37
N ASN C 90 -16.36 -27.85 -35.50
CA ASN C 90 -16.38 -26.48 -35.05
C ASN C 90 -15.45 -26.34 -33.86
N LEU C 91 -14.69 -25.24 -33.84
CA LEU C 91 -13.79 -24.95 -32.71
C LEU C 91 -14.12 -23.56 -32.24
N TRP C 92 -13.81 -23.28 -30.97
CA TRP C 92 -14.05 -21.97 -30.42
C TRP C 92 -12.71 -21.43 -29.97
N LEU C 93 -12.47 -20.13 -30.13
CA LEU C 93 -11.21 -19.55 -29.67
C LEU C 93 -11.35 -19.37 -28.15
N MET C 94 -10.28 -19.62 -27.42
CA MET C 94 -10.31 -19.55 -25.97
C MET C 94 -10.38 -18.14 -25.39
N THR C 95 -11.39 -17.90 -24.58
CA THR C 95 -11.59 -16.59 -23.93
C THR C 95 -10.64 -16.39 -22.74
N SER C 96 -10.12 -17.52 -22.23
CA SER C 96 -9.18 -17.57 -21.11
C SER C 96 -8.67 -19.01 -21.06
N PRO C 97 -7.41 -19.22 -20.65
CA PRO C 97 -6.90 -20.60 -20.60
C PRO C 97 -7.36 -21.42 -19.41
N GLU C 98 -8.22 -20.84 -18.57
CA GLU C 98 -8.68 -21.50 -17.36
C GLU C 98 -9.00 -22.99 -17.39
N TYR C 99 -9.87 -23.41 -18.30
CA TYR C 99 -10.25 -24.82 -18.32
C TYR C 99 -9.09 -25.76 -18.58
N HIS C 100 -8.19 -25.39 -19.50
CA HIS C 100 -7.05 -26.27 -19.75
C HIS C 100 -6.05 -26.26 -18.59
N MET C 101 -5.87 -25.11 -17.95
CA MET C 101 -4.92 -25.07 -16.84
C MET C 101 -5.46 -25.90 -15.66
N LYS C 102 -6.78 -25.96 -15.54
CA LYS C 102 -7.39 -26.74 -14.46
C LYS C 102 -7.20 -28.24 -14.75
N ARG C 103 -7.26 -28.64 -16.02
CA ARG C 103 -7.02 -30.05 -16.36
C ARG C 103 -5.56 -30.38 -16.03
N LEU C 104 -4.65 -29.44 -16.32
CA LEU C 104 -3.23 -29.62 -16.01
C LEU C 104 -3.03 -29.73 -14.48
N LEU C 105 -3.79 -28.95 -13.71
CA LEU C 105 -3.68 -28.98 -12.25
C LEU C 105 -4.07 -30.38 -11.74
N VAL C 106 -5.12 -30.95 -12.32
CA VAL C 106 -5.55 -32.30 -11.95
C VAL C 106 -4.46 -33.32 -12.35
N ALA C 107 -3.75 -33.03 -13.44
CA ALA C 107 -2.69 -33.93 -13.90
C ALA C 107 -1.39 -33.76 -13.10
N GLY C 108 -1.37 -32.81 -12.16
CA GLY C 108 -0.20 -32.60 -11.34
C GLY C 108 0.85 -31.57 -11.74
N CYS C 109 0.45 -30.53 -12.48
CA CYS C 109 1.43 -29.54 -12.88
C CYS C 109 1.92 -28.66 -11.72
N GLY C 110 1.17 -28.64 -10.62
CA GLY C 110 1.57 -27.78 -9.50
C GLY C 110 1.37 -26.32 -9.85
N PRO C 111 1.93 -25.38 -9.08
CA PRO C 111 1.74 -23.96 -9.39
C PRO C 111 2.21 -23.59 -10.80
N VAL C 112 1.31 -23.00 -11.60
CA VAL C 112 1.66 -22.63 -12.96
C VAL C 112 1.10 -21.26 -13.38
N PHE C 113 1.73 -20.66 -14.38
CA PHE C 113 1.26 -19.39 -14.92
C PHE C 113 1.35 -19.50 -16.43
N GLN C 114 0.64 -18.63 -17.12
CA GLN C 114 0.70 -18.63 -18.56
C GLN C 114 0.53 -17.21 -19.07
N LEU C 115 1.28 -16.87 -20.12
CA LEU C 115 1.20 -15.57 -20.80
C LEU C 115 0.71 -15.93 -22.21
N CYS C 116 -0.61 -15.91 -22.39
CA CYS C 116 -1.20 -16.32 -23.67
C CYS C 116 -2.01 -15.24 -24.37
N ARG C 117 -2.36 -15.51 -25.62
CA ARG C 117 -3.21 -14.59 -26.35
C ARG C 117 -4.59 -15.18 -26.10
N SER C 118 -5.51 -14.35 -25.63
CA SER C 118 -6.87 -14.79 -25.36
C SER C 118 -7.79 -14.08 -26.37
N PHE C 119 -8.97 -14.64 -26.59
CA PHE C 119 -9.89 -14.12 -27.60
C PHE C 119 -11.34 -13.92 -27.14
N ARG C 120 -11.90 -12.75 -27.43
CA ARG C 120 -13.28 -12.45 -27.06
C ARG C 120 -13.86 -11.58 -28.15
N ASN C 121 -15.00 -11.98 -28.68
CA ASN C 121 -15.61 -11.22 -29.77
C ASN C 121 -16.15 -9.87 -29.26
N GLU C 122 -15.27 -9.11 -28.62
CA GLU C 122 -15.57 -7.79 -28.02
C GLU C 122 -15.04 -6.60 -28.79
N GLU C 123 -15.94 -5.70 -29.17
CA GLU C 123 -15.59 -4.48 -29.91
C GLU C 123 -14.25 -3.91 -29.44
N MET C 124 -13.42 -3.47 -30.38
CA MET C 124 -12.14 -2.86 -29.99
C MET C 124 -12.52 -1.59 -29.24
N GLY C 125 -12.05 -1.42 -28.02
CA GLY C 125 -12.38 -0.23 -27.29
C GLY C 125 -11.13 0.45 -26.81
N ARG C 126 -11.26 1.54 -26.09
CA ARG C 126 -10.10 2.23 -25.58
C ARG C 126 -9.36 1.26 -24.63
N TYR C 127 -10.11 0.34 -24.02
CA TYR C 127 -9.50 -0.60 -23.07
C TYR C 127 -9.66 -2.06 -23.47
N HIS C 128 -10.20 -2.31 -24.66
CA HIS C 128 -10.42 -3.66 -25.12
C HIS C 128 -9.90 -3.88 -26.55
N ASN C 129 -9.44 -5.10 -26.80
CA ASN C 129 -9.03 -5.52 -28.14
C ASN C 129 -9.58 -6.95 -28.20
N PRO C 130 -10.13 -7.39 -29.35
CA PRO C 130 -10.70 -8.74 -29.53
C PRO C 130 -9.71 -9.84 -29.17
N GLU C 131 -8.44 -9.56 -29.34
CA GLU C 131 -7.43 -10.50 -28.90
C GLU C 131 -6.53 -9.71 -27.98
N PHE C 132 -6.15 -10.32 -26.86
CA PHE C 132 -5.30 -9.62 -25.91
C PHE C 132 -4.48 -10.64 -25.16
N THR C 133 -3.49 -10.17 -24.43
CA THR C 133 -2.62 -11.07 -23.69
C THR C 133 -3.09 -11.24 -22.26
N MET C 134 -3.26 -12.48 -21.83
CA MET C 134 -3.71 -12.75 -20.47
C MET C 134 -2.52 -13.30 -19.69
N LEU C 135 -2.43 -12.94 -18.41
CA LEU C 135 -1.40 -13.48 -17.53
C LEU C 135 -2.33 -14.20 -16.57
N GLU C 136 -2.31 -15.53 -16.58
CA GLU C 136 -3.20 -16.29 -15.70
C GLU C 136 -2.39 -17.34 -14.95
N TRP C 137 -2.60 -17.43 -13.64
CA TRP C 137 -1.86 -18.41 -12.88
C TRP C 137 -2.64 -19.04 -11.75
N TYR C 138 -2.17 -20.20 -11.31
CA TYR C 138 -2.83 -20.95 -10.28
C TYR C 138 -1.84 -21.36 -9.22
N ARG C 139 -2.28 -21.28 -7.97
CA ARG C 139 -1.43 -21.61 -6.84
C ARG C 139 -2.10 -22.60 -5.89
N PRO C 140 -1.76 -23.88 -6.01
CA PRO C 140 -2.32 -24.90 -5.14
C PRO C 140 -2.04 -24.52 -3.68
N HIS C 141 -3.03 -24.69 -2.81
CA HIS C 141 -2.89 -24.40 -1.38
C HIS C 141 -2.78 -22.95 -0.97
N TYR C 142 -3.15 -22.05 -1.89
CA TYR C 142 -3.15 -20.62 -1.59
C TYR C 142 -4.61 -20.27 -1.41
N ASP C 143 -4.94 -19.58 -0.31
CA ASP C 143 -6.35 -19.20 -0.16
C ASP C 143 -6.50 -17.91 -0.93
N MET C 144 -7.71 -17.40 -1.00
CA MET C 144 -7.97 -16.18 -1.74
C MET C 144 -7.07 -15.02 -1.32
N TYR C 145 -6.91 -14.82 -0.02
CA TYR C 145 -6.08 -13.72 0.47
C TYR C 145 -4.62 -13.85 0.10
N ARG C 146 -4.07 -15.05 0.21
CA ARG C 146 -2.66 -15.21 -0.11
C ARG C 146 -2.42 -14.93 -1.59
N LEU C 147 -3.38 -15.31 -2.43
CA LEU C 147 -3.21 -15.06 -3.87
C LEU C 147 -3.30 -13.55 -4.09
N MET C 148 -4.26 -12.89 -3.43
CA MET C 148 -4.38 -11.43 -3.57
C MET C 148 -3.06 -10.74 -3.20
N ASN C 149 -2.40 -11.25 -2.18
CA ASN C 149 -1.15 -10.66 -1.75
C ASN C 149 -0.09 -10.83 -2.84
N GLU C 150 -0.12 -11.97 -3.54
CA GLU C 150 0.85 -12.21 -4.60
C GLU C 150 0.58 -11.26 -5.78
N VAL C 151 -0.70 -11.07 -6.09
CA VAL C 151 -1.09 -10.15 -7.18
C VAL C 151 -0.60 -8.75 -6.81
N ASP C 152 -0.83 -8.38 -5.54
CA ASP C 152 -0.45 -7.10 -4.98
C ASP C 152 1.06 -6.88 -5.19
N ASP C 153 1.85 -7.91 -4.89
CA ASP C 153 3.30 -7.81 -5.05
C ASP C 153 3.73 -7.59 -6.50
N LEU C 154 3.06 -8.28 -7.43
CA LEU C 154 3.36 -8.13 -8.84
C LEU C 154 3.04 -6.69 -9.28
N LEU C 155 1.88 -6.18 -8.87
CA LEU C 155 1.50 -4.81 -9.26
C LEU C 155 2.51 -3.78 -8.76
N GLN C 156 2.86 -3.88 -7.48
CA GLN C 156 3.82 -2.94 -6.90
C GLN C 156 5.12 -2.95 -7.72
N GLN C 157 5.61 -4.14 -8.03
CA GLN C 157 6.84 -4.25 -8.80
C GLN C 157 6.76 -3.71 -10.22
N VAL C 158 5.77 -4.14 -11.01
CA VAL C 158 5.72 -3.66 -12.38
C VAL C 158 5.30 -2.20 -12.53
N LEU C 159 4.35 -1.77 -11.72
CA LEU C 159 3.86 -0.38 -11.79
C LEU C 159 4.54 0.56 -10.81
N ASP C 160 5.30 0.00 -9.88
CA ASP C 160 5.99 0.79 -8.86
C ASP C 160 4.95 1.65 -8.12
N CYS C 161 3.78 1.06 -7.89
CA CYS C 161 2.70 1.76 -7.21
C CYS C 161 2.64 1.32 -5.75
N PRO C 162 1.81 1.99 -4.94
CA PRO C 162 1.72 1.61 -3.52
C PRO C 162 1.04 0.25 -3.36
N ALA C 163 1.20 -0.36 -2.18
CA ALA C 163 0.54 -1.63 -1.89
C ALA C 163 -0.95 -1.33 -2.03
N ALA C 164 -1.74 -2.33 -2.41
CA ALA C 164 -3.15 -2.11 -2.64
C ALA C 164 -4.03 -1.91 -1.42
N GLU C 165 -5.22 -1.40 -1.70
CA GLU C 165 -6.27 -1.18 -0.72
C GLU C 165 -7.14 -2.41 -0.96
N SER C 166 -7.74 -2.96 0.09
CA SER C 166 -8.62 -4.12 -0.04
C SER C 166 -9.94 -3.77 0.60
N LEU C 167 -11.02 -4.07 -0.11
CA LEU C 167 -12.36 -3.76 0.35
C LEU C 167 -13.30 -4.88 -0.05
N SER C 168 -14.20 -5.29 0.83
CA SER C 168 -15.14 -6.33 0.45
C SER C 168 -16.19 -5.64 -0.43
N TYR C 169 -16.88 -6.43 -1.25
CA TYR C 169 -17.89 -5.93 -2.14
C TYR C 169 -18.94 -5.20 -1.29
N GLN C 170 -19.33 -5.81 -0.18
CA GLN C 170 -20.31 -5.24 0.74
C GLN C 170 -19.80 -3.90 1.28
N GLN C 171 -18.56 -3.88 1.76
CA GLN C 171 -17.96 -2.65 2.29
C GLN C 171 -17.88 -1.53 1.23
N ALA C 172 -17.58 -1.88 -0.02
CA ALA C 172 -17.50 -0.84 -1.05
C ALA C 172 -18.87 -0.23 -1.31
N PHE C 173 -19.91 -1.06 -1.33
CA PHE C 173 -21.26 -0.54 -1.55
C PHE C 173 -21.66 0.35 -0.38
N LEU C 174 -21.39 -0.11 0.84
CA LEU C 174 -21.75 0.67 2.03
C LEU C 174 -21.06 2.02 2.03
N ARG C 175 -19.77 2.01 1.72
CA ARG C 175 -19.01 3.25 1.72
C ARG C 175 -19.43 4.24 0.65
N TYR C 176 -19.53 3.77 -0.59
CA TYR C 176 -19.87 4.67 -1.69
C TYR C 176 -21.33 4.84 -2.05
N LEU C 177 -22.18 3.89 -1.68
CA LEU C 177 -23.59 3.98 -2.04
C LEU C 177 -24.53 3.88 -0.86
N GLU C 178 -23.95 3.72 0.34
CA GLU C 178 -24.72 3.62 1.57
C GLU C 178 -25.83 2.57 1.51
N ILE C 179 -25.54 1.42 0.92
CA ILE C 179 -26.52 0.35 0.82
C ILE C 179 -25.78 -0.98 0.99
N ASP C 180 -26.45 -1.95 1.61
CA ASP C 180 -25.85 -3.27 1.80
C ASP C 180 -26.29 -4.15 0.63
N PRO C 181 -25.37 -4.46 -0.29
CA PRO C 181 -25.67 -5.29 -1.47
C PRO C 181 -26.09 -6.73 -1.18
N LEU C 182 -25.82 -7.19 0.03
CA LEU C 182 -26.18 -8.55 0.38
C LEU C 182 -27.57 -8.65 1.01
N SER C 183 -28.11 -7.51 1.43
CA SER C 183 -29.42 -7.46 2.09
C SER C 183 -30.51 -6.69 1.34
N ALA C 184 -30.15 -5.58 0.72
CA ALA C 184 -31.12 -4.76 0.00
C ALA C 184 -31.98 -5.50 -1.02
N ASP C 185 -33.24 -5.11 -1.10
CA ASP C 185 -34.18 -5.73 -2.04
C ASP C 185 -34.10 -5.01 -3.39
N LYS C 186 -34.70 -5.61 -4.42
CA LYS C 186 -34.67 -5.03 -5.75
C LYS C 186 -35.20 -3.59 -5.80
N THR C 187 -36.09 -3.23 -4.88
CA THR C 187 -36.65 -1.89 -4.85
C THR C 187 -35.61 -0.90 -4.35
N GLN C 188 -34.96 -1.25 -3.24
CA GLN C 188 -33.94 -0.38 -2.68
C GLN C 188 -32.82 -0.19 -3.68
N LEU C 189 -32.53 -1.23 -4.45
CA LEU C 189 -31.48 -1.14 -5.45
C LEU C 189 -31.87 -0.15 -6.53
N ARG C 190 -33.13 -0.22 -6.99
CA ARG C 190 -33.58 0.71 -8.01
C ARG C 190 -33.58 2.14 -7.47
N GLU C 191 -33.74 2.27 -6.15
CA GLU C 191 -33.73 3.57 -5.49
C GLU C 191 -32.36 4.20 -5.63
N VAL C 192 -31.33 3.43 -5.27
CA VAL C 192 -29.96 3.92 -5.38
C VAL C 192 -29.70 4.23 -6.85
N ALA C 193 -30.26 3.40 -7.73
CA ALA C 193 -30.08 3.59 -9.16
C ALA C 193 -30.60 4.95 -9.56
N ALA C 194 -31.78 5.31 -9.05
CA ALA C 194 -32.37 6.60 -9.35
C ALA C 194 -31.36 7.69 -9.02
N LYS C 195 -30.80 7.63 -7.81
CA LYS C 195 -29.81 8.61 -7.35
C LYS C 195 -28.61 8.72 -8.28
N LEU C 196 -28.41 7.72 -9.14
CA LEU C 196 -27.31 7.73 -10.09
C LEU C 196 -27.82 8.03 -11.48
N ASP C 197 -29.10 8.40 -11.57
CA ASP C 197 -29.73 8.72 -12.84
C ASP C 197 -29.70 7.51 -13.75
N LEU C 198 -30.02 6.34 -13.19
CA LEU C 198 -29.99 5.10 -13.96
C LEU C 198 -31.38 4.52 -14.26
N SER C 199 -32.41 5.35 -14.22
CA SER C 199 -33.77 4.88 -14.49
C SER C 199 -34.07 4.83 -15.98
N GLU C 206 -36.76 -7.76 -13.40
CA GLU C 206 -35.36 -7.38 -13.51
C GLU C 206 -34.45 -8.27 -12.65
N ASP C 207 -33.32 -8.65 -13.23
CA ASP C 207 -32.32 -9.49 -12.59
C ASP C 207 -31.62 -8.71 -11.47
N ARG C 208 -31.53 -9.31 -10.29
CA ARG C 208 -30.88 -8.67 -9.15
C ARG C 208 -29.41 -8.38 -9.45
N ASP C 209 -28.70 -9.36 -10.01
CA ASP C 209 -27.28 -9.19 -10.32
C ASP C 209 -27.01 -8.14 -11.37
N THR C 210 -27.91 -7.98 -12.32
CA THR C 210 -27.70 -6.99 -13.37
C THR C 210 -27.83 -5.62 -12.72
N LEU C 211 -28.69 -5.55 -11.72
CA LEU C 211 -28.92 -4.31 -10.99
C LEU C 211 -27.67 -3.99 -10.17
N LEU C 212 -27.16 -5.00 -9.47
CA LEU C 212 -25.98 -4.83 -8.65
C LEU C 212 -24.80 -4.44 -9.53
N GLN C 213 -24.74 -5.02 -10.73
CA GLN C 213 -23.67 -4.72 -11.69
C GLN C 213 -23.75 -3.29 -12.16
N LEU C 214 -24.98 -2.82 -12.41
CA LEU C 214 -25.18 -1.45 -12.85
C LEU C 214 -24.66 -0.51 -11.77
N LEU C 215 -25.06 -0.78 -10.53
CA LEU C 215 -24.64 0.04 -9.39
C LEU C 215 -23.12 0.00 -9.19
N PHE C 216 -22.51 -1.18 -9.35
CA PHE C 216 -21.08 -1.31 -9.18
C PHE C 216 -20.37 -0.47 -10.24
N THR C 217 -20.77 -0.69 -11.49
CA THR C 217 -20.17 0.03 -12.61
C THR C 217 -20.23 1.54 -12.49
N PHE C 218 -21.40 2.08 -12.13
CA PHE C 218 -21.55 3.52 -12.03
C PHE C 218 -21.42 4.12 -10.64
N GLY C 219 -21.62 3.32 -9.61
CA GLY C 219 -21.52 3.84 -8.26
C GLY C 219 -20.28 3.47 -7.47
N VAL C 220 -19.56 2.44 -7.90
CA VAL C 220 -18.37 2.03 -7.17
C VAL C 220 -17.06 2.20 -7.95
N GLU C 221 -16.99 1.65 -9.17
CA GLU C 221 -15.76 1.74 -9.96
C GLU C 221 -15.16 3.13 -10.07
N PRO C 222 -15.99 4.14 -10.35
CA PRO C 222 -15.40 5.46 -10.45
C PRO C 222 -14.81 6.05 -9.17
N ASN C 223 -15.00 5.37 -8.05
CA ASN C 223 -14.48 5.87 -6.78
C ASN C 223 -13.31 5.07 -6.21
N ILE C 224 -12.96 3.96 -6.85
CA ILE C 224 -11.86 3.15 -6.32
C ILE C 224 -10.60 3.19 -7.15
N GLY C 225 -9.50 2.69 -6.58
CA GLY C 225 -8.23 2.65 -7.28
C GLY C 225 -7.66 3.97 -7.77
N LYS C 226 -7.93 5.06 -7.07
CA LYS C 226 -7.42 6.36 -7.49
C LYS C 226 -5.94 6.55 -7.18
N GLU C 227 -5.55 6.37 -5.93
CA GLU C 227 -4.17 6.56 -5.51
C GLU C 227 -3.35 5.28 -5.52
N LYS C 228 -4.03 4.13 -5.52
CA LYS C 228 -3.37 2.83 -5.52
C LYS C 228 -4.40 1.78 -5.92
N PRO C 229 -3.96 0.56 -6.28
CA PRO C 229 -4.96 -0.46 -6.67
C PRO C 229 -5.96 -0.79 -5.58
N THR C 230 -7.18 -1.12 -5.98
CA THR C 230 -8.18 -1.50 -5.00
C THR C 230 -8.67 -2.89 -5.35
N PHE C 231 -8.54 -3.81 -4.40
CA PHE C 231 -9.05 -5.17 -4.57
C PHE C 231 -10.44 -5.17 -3.95
N VAL C 232 -11.43 -5.71 -4.67
CA VAL C 232 -12.78 -5.83 -4.15
C VAL C 232 -12.99 -7.34 -4.09
N TYR C 233 -13.25 -7.86 -2.89
CA TYR C 233 -13.43 -9.29 -2.75
C TYR C 233 -14.78 -9.67 -2.13
N HIS C 234 -15.07 -10.96 -2.15
CA HIS C 234 -16.31 -11.49 -1.64
C HIS C 234 -17.51 -10.97 -2.41
N PHE C 235 -17.52 -11.23 -3.71
CA PHE C 235 -18.62 -10.84 -4.58
C PHE C 235 -19.83 -11.68 -4.18
N PRO C 236 -21.04 -11.25 -4.59
CA PRO C 236 -22.22 -12.05 -4.23
C PRO C 236 -22.14 -13.48 -4.76
N ALA C 237 -22.66 -14.42 -3.99
CA ALA C 237 -22.66 -15.83 -4.36
C ALA C 237 -23.24 -16.08 -5.75
N SER C 238 -24.25 -15.31 -6.12
CA SER C 238 -24.88 -15.46 -7.42
C SER C 238 -23.90 -15.04 -8.53
N GLN C 239 -22.83 -14.35 -8.16
CA GLN C 239 -21.83 -13.91 -9.13
C GLN C 239 -20.51 -14.62 -8.89
N ALA C 240 -20.58 -15.86 -8.40
CA ALA C 240 -19.38 -16.62 -8.08
C ALA C 240 -18.53 -17.08 -9.26
N SER C 241 -19.12 -17.16 -10.45
CA SER C 241 -18.38 -17.65 -11.62
C SER C 241 -17.89 -19.07 -11.26
N LEU C 242 -16.58 -19.32 -11.26
CA LEU C 242 -16.12 -20.66 -10.89
C LEU C 242 -15.43 -20.66 -9.53
N ALA C 243 -15.85 -19.74 -8.68
CA ALA C 243 -15.26 -19.63 -7.35
C ALA C 243 -16.09 -20.39 -6.31
N GLN C 244 -15.42 -20.84 -5.25
CA GLN C 244 -16.11 -21.53 -4.17
C GLN C 244 -16.92 -20.50 -3.42
N ILE C 245 -18.02 -20.95 -2.82
CA ILE C 245 -18.86 -20.07 -2.01
C ILE C 245 -18.21 -20.05 -0.63
N SER C 246 -18.18 -18.88 -0.01
CA SER C 246 -17.56 -18.74 1.31
C SER C 246 -18.19 -19.67 2.34
N THR C 247 -17.37 -20.15 3.28
CA THR C 247 -17.86 -21.04 4.34
C THR C 247 -18.43 -20.19 5.49
N GLU C 248 -17.87 -19.00 5.70
CA GLU C 248 -18.35 -18.13 6.75
C GLU C 248 -19.70 -17.52 6.38
N ASP C 249 -19.81 -17.00 5.16
CA ASP C 249 -21.04 -16.37 4.71
C ASP C 249 -21.48 -16.91 3.35
N HIS C 250 -22.48 -17.77 3.36
CA HIS C 250 -22.97 -18.38 2.13
C HIS C 250 -23.45 -17.36 1.09
N ARG C 251 -23.66 -16.12 1.50
CA ARG C 251 -24.15 -15.10 0.56
C ARG C 251 -23.01 -14.54 -0.31
N VAL C 252 -21.79 -14.96 -0.01
CA VAL C 252 -20.63 -14.45 -0.73
C VAL C 252 -19.78 -15.55 -1.37
N ALA C 253 -19.07 -15.19 -2.44
CA ALA C 253 -18.20 -16.11 -3.14
C ALA C 253 -16.77 -15.64 -2.88
N GLU C 254 -15.83 -16.57 -2.88
CA GLU C 254 -14.44 -16.22 -2.67
C GLU C 254 -13.82 -15.76 -3.98
N ARG C 255 -14.30 -14.64 -4.47
CA ARG C 255 -13.84 -14.06 -5.73
C ARG C 255 -13.43 -12.62 -5.46
N PHE C 256 -12.46 -12.14 -6.22
CA PHE C 256 -12.00 -10.76 -6.09
C PHE C 256 -11.62 -10.23 -7.46
N GLU C 257 -11.65 -8.91 -7.57
CA GLU C 257 -11.26 -8.21 -8.80
C GLU C 257 -10.34 -7.09 -8.35
N VAL C 258 -9.49 -6.59 -9.23
CA VAL C 258 -8.63 -5.49 -8.84
C VAL C 258 -8.72 -4.39 -9.88
N TYR C 259 -8.82 -3.16 -9.38
CA TYR C 259 -8.98 -1.99 -10.21
C TYR C 259 -7.89 -0.97 -9.89
N TYR C 260 -7.45 -0.24 -10.90
CA TYR C 260 -6.45 0.78 -10.68
C TYR C 260 -6.54 1.84 -11.76
N LYS C 261 -6.60 3.10 -11.34
CA LYS C 261 -6.70 4.24 -12.24
C LYS C 261 -7.85 4.11 -13.21
N GLY C 262 -8.97 3.60 -12.72
CA GLY C 262 -10.14 3.45 -13.56
C GLY C 262 -10.21 2.21 -14.43
N ILE C 263 -9.21 1.34 -14.39
CA ILE C 263 -9.31 0.15 -15.23
C ILE C 263 -9.29 -1.19 -14.48
N GLU C 264 -10.09 -2.12 -14.96
CA GLU C 264 -10.14 -3.44 -14.34
C GLU C 264 -8.92 -4.22 -14.79
N LEU C 265 -8.07 -4.57 -13.84
CA LEU C 265 -6.84 -5.31 -14.16
C LEU C 265 -6.88 -6.82 -14.00
N ALA C 266 -7.64 -7.34 -13.03
CA ALA C 266 -7.67 -8.80 -12.83
C ALA C 266 -8.92 -9.30 -12.13
N ASN C 267 -9.14 -10.61 -12.20
CA ASN C 267 -10.28 -11.26 -11.60
C ASN C 267 -9.76 -12.61 -11.13
N GLY C 268 -9.99 -12.96 -9.86
CA GLY C 268 -9.50 -14.23 -9.39
C GLY C 268 -10.35 -14.84 -8.29
N PHE C 269 -10.12 -16.11 -8.02
CA PHE C 269 -10.88 -16.72 -6.94
C PHE C 269 -10.28 -17.96 -6.31
N HIS C 270 -10.89 -18.41 -5.22
CA HIS C 270 -10.47 -19.63 -4.56
C HIS C 270 -11.31 -20.57 -5.40
N GLU C 271 -10.66 -21.45 -6.16
CA GLU C 271 -11.36 -22.33 -7.09
C GLU C 271 -12.33 -23.38 -6.61
N LEU C 272 -13.45 -23.48 -7.33
CA LEU C 272 -14.46 -24.49 -7.05
C LEU C 272 -13.87 -25.82 -7.51
N THR C 273 -13.84 -26.82 -6.62
CA THR C 273 -13.30 -28.12 -7.02
C THR C 273 -14.38 -29.17 -7.13
N ASP C 274 -15.60 -28.85 -6.73
CA ASP C 274 -16.67 -29.83 -6.81
C ASP C 274 -17.22 -29.92 -8.22
N ALA C 275 -17.01 -31.07 -8.87
CA ALA C 275 -17.46 -31.29 -10.23
C ALA C 275 -18.98 -31.22 -10.39
N ARG C 276 -19.73 -31.83 -9.47
CA ARG C 276 -21.18 -31.77 -9.60
C ARG C 276 -21.70 -30.36 -9.47
N GLU C 277 -21.17 -29.60 -8.53
CA GLU C 277 -21.62 -28.22 -8.36
C GLU C 277 -21.22 -27.39 -9.58
N GLN C 278 -20.02 -27.65 -10.13
CA GLN C 278 -19.55 -26.90 -11.28
C GLN C 278 -20.43 -27.14 -12.51
N GLN C 279 -20.79 -28.40 -12.69
CA GLN C 279 -21.66 -28.81 -13.79
C GLN C 279 -23.03 -28.14 -13.68
N GLN C 280 -23.54 -28.03 -12.46
CA GLN C 280 -24.84 -27.41 -12.24
C GLN C 280 -24.79 -25.92 -12.53
N ARG C 281 -23.67 -25.27 -12.18
CA ARG C 281 -23.55 -23.85 -12.45
C ARG C 281 -23.55 -23.59 -13.97
N PHE C 282 -22.91 -24.48 -14.73
CA PHE C 282 -22.87 -24.33 -16.18
C PHE C 282 -24.29 -24.48 -16.77
N GLU C 283 -25.07 -25.41 -16.24
CA GLU C 283 -26.43 -25.57 -16.75
C GLU C 283 -27.25 -24.33 -16.40
N GLN C 284 -27.00 -23.75 -15.22
CA GLN C 284 -27.70 -22.52 -14.84
C GLN C 284 -27.34 -21.46 -15.87
N ASP C 285 -26.04 -21.38 -16.19
CA ASP C 285 -25.55 -20.41 -17.18
C ASP C 285 -26.33 -20.53 -18.47
N ASN C 286 -26.43 -21.74 -19.01
CA ASN C 286 -27.17 -21.94 -20.25
C ASN C 286 -28.65 -21.60 -20.14
N ARG C 287 -29.27 -21.84 -18.98
CA ARG C 287 -30.68 -21.49 -18.84
C ARG C 287 -30.81 -19.97 -18.83
N LYS C 288 -29.86 -19.30 -18.17
CA LYS C 288 -29.89 -17.85 -18.13
C LYS C 288 -29.69 -17.33 -19.56
N ARG C 289 -28.78 -17.96 -20.30
CA ARG C 289 -28.53 -17.60 -21.68
C ARG C 289 -29.81 -17.69 -22.51
N ALA C 290 -30.51 -18.81 -22.40
CA ALA C 290 -31.74 -19.01 -23.15
C ALA C 290 -32.76 -17.94 -22.75
N ALA C 291 -32.81 -17.62 -21.46
CA ALA C 291 -33.76 -16.64 -20.96
C ALA C 291 -33.53 -15.27 -21.59
N ARG C 292 -32.28 -14.98 -21.98
CA ARG C 292 -31.95 -13.70 -22.58
C ARG C 292 -31.78 -13.81 -24.10
N GLY C 293 -32.24 -14.92 -24.66
CA GLY C 293 -32.15 -15.11 -26.09
C GLY C 293 -30.73 -15.29 -26.62
N LEU C 294 -29.81 -15.65 -25.73
CA LEU C 294 -28.41 -15.86 -26.13
C LEU C 294 -28.26 -17.35 -26.43
N PRO C 295 -27.27 -17.71 -27.26
CA PRO C 295 -27.10 -19.13 -27.57
C PRO C 295 -26.62 -19.91 -26.35
N GLN C 296 -27.02 -21.17 -26.26
CA GLN C 296 -26.57 -22.00 -25.16
C GLN C 296 -25.33 -22.69 -25.70
N HIS C 297 -24.31 -22.81 -24.85
CA HIS C 297 -23.04 -23.39 -25.23
C HIS C 297 -22.79 -24.77 -24.63
N PRO C 298 -22.06 -25.63 -25.37
CA PRO C 298 -21.74 -26.98 -24.92
C PRO C 298 -20.79 -26.96 -23.71
N ILE C 299 -21.14 -27.71 -22.68
CA ILE C 299 -20.29 -27.77 -21.49
C ILE C 299 -19.01 -28.55 -21.81
N ASP C 300 -17.87 -27.99 -21.40
CA ASP C 300 -16.58 -28.63 -21.61
C ASP C 300 -16.52 -29.87 -20.72
N GLN C 301 -16.87 -31.02 -21.26
CA GLN C 301 -16.86 -32.26 -20.49
C GLN C 301 -15.45 -32.65 -20.02
N ASN C 302 -14.44 -32.19 -20.74
CA ASN C 302 -13.06 -32.50 -20.36
C ASN C 302 -12.75 -31.87 -19.01
N LEU C 303 -13.24 -30.64 -18.79
CA LEU C 303 -13.01 -29.95 -17.53
C LEU C 303 -13.73 -30.70 -16.40
N ILE C 304 -15.03 -30.96 -16.58
CA ILE C 304 -15.82 -31.66 -15.58
C ILE C 304 -15.22 -33.03 -15.23
N GLU C 305 -14.79 -33.78 -16.24
CA GLU C 305 -14.19 -35.09 -15.98
C GLU C 305 -12.88 -34.96 -15.19
N ALA C 306 -12.14 -33.88 -15.43
CA ALA C 306 -10.89 -33.68 -14.69
C ALA C 306 -11.26 -33.37 -13.25
N LEU C 307 -12.26 -32.50 -13.06
CA LEU C 307 -12.70 -32.13 -11.72
C LEU C 307 -13.16 -33.37 -10.95
N LYS C 308 -13.79 -34.30 -11.65
CA LYS C 308 -14.24 -35.53 -10.99
C LYS C 308 -13.01 -36.29 -10.48
N VAL C 309 -11.95 -36.37 -11.28
CA VAL C 309 -10.74 -37.06 -10.86
C VAL C 309 -10.21 -36.39 -9.61
N GLY C 310 -10.15 -35.06 -9.65
CA GLY C 310 -9.70 -34.34 -8.47
C GLY C 310 -8.68 -33.26 -8.67
N MET C 311 -9.11 -32.01 -8.55
CA MET C 311 -8.19 -30.88 -8.68
C MET C 311 -7.73 -30.47 -7.28
N PRO C 312 -6.42 -30.21 -7.12
CA PRO C 312 -5.94 -29.80 -5.80
C PRO C 312 -6.58 -28.47 -5.43
N ASP C 313 -6.81 -28.26 -4.14
CA ASP C 313 -7.42 -27.01 -3.69
C ASP C 313 -6.46 -25.90 -4.07
N CYS C 314 -6.98 -24.88 -4.71
CA CYS C 314 -6.11 -23.81 -5.19
C CYS C 314 -6.88 -22.54 -5.44
N SER C 315 -6.14 -21.45 -5.67
CA SER C 315 -6.68 -20.15 -6.02
C SER C 315 -6.01 -19.77 -7.35
N GLY C 316 -6.76 -19.12 -8.23
CA GLY C 316 -6.23 -18.70 -9.52
C GLY C 316 -6.66 -17.28 -9.86
N VAL C 317 -5.96 -16.63 -10.78
CA VAL C 317 -6.29 -15.26 -11.17
C VAL C 317 -5.87 -14.99 -12.60
N ALA C 318 -6.65 -14.14 -13.28
CA ALA C 318 -6.37 -13.78 -14.68
C ALA C 318 -6.24 -12.26 -14.72
N LEU C 319 -5.14 -11.80 -15.30
CA LEU C 319 -4.85 -10.37 -15.38
C LEU C 319 -4.59 -9.98 -16.83
N GLY C 320 -5.13 -8.83 -17.26
CA GLY C 320 -4.93 -8.39 -18.62
C GLY C 320 -3.59 -7.70 -18.72
N VAL C 321 -2.60 -8.34 -19.33
CA VAL C 321 -1.28 -7.71 -19.38
C VAL C 321 -1.25 -6.44 -20.22
N ASP C 322 -2.06 -6.35 -21.26
CA ASP C 322 -2.07 -5.14 -22.08
C ASP C 322 -2.48 -3.97 -21.19
N ARG C 323 -3.48 -4.17 -20.35
CA ARG C 323 -3.93 -3.10 -19.47
C ARG C 323 -2.84 -2.73 -18.48
N LEU C 324 -2.15 -3.76 -17.99
CA LEU C 324 -1.07 -3.53 -17.03
C LEU C 324 0.05 -2.72 -17.70
N VAL C 325 0.45 -3.12 -18.91
CA VAL C 325 1.51 -2.42 -19.64
C VAL C 325 1.10 -0.98 -19.96
N MET C 326 -0.18 -0.79 -20.29
CA MET C 326 -0.71 0.53 -20.63
C MET C 326 -0.49 1.46 -19.43
N LEU C 327 -0.92 1.01 -18.25
CA LEU C 327 -0.74 1.80 -17.04
C LEU C 327 0.74 2.02 -16.72
N ALA C 328 1.55 0.98 -16.85
CA ALA C 328 2.98 1.09 -16.56
C ALA C 328 3.68 2.09 -17.48
N LEU C 329 3.22 2.21 -18.71
CA LEU C 329 3.85 3.10 -19.67
C LEU C 329 3.15 4.44 -19.77
N GLY C 330 2.06 4.61 -19.00
CA GLY C 330 1.33 5.85 -19.05
C GLY C 330 0.66 6.07 -20.39
N ALA C 331 0.36 4.96 -21.08
CA ALA C 331 -0.29 5.02 -22.39
C ALA C 331 -1.74 5.42 -22.20
N GLU C 332 -2.34 6.01 -23.22
CA GLU C 332 -3.72 6.45 -23.13
C GLU C 332 -4.73 5.41 -23.58
N THR C 333 -4.29 4.50 -24.46
CA THR C 333 -5.20 3.48 -24.98
C THR C 333 -4.52 2.12 -25.03
N LEU C 334 -5.32 1.06 -25.15
CA LEU C 334 -4.77 -0.28 -25.25
C LEU C 334 -3.98 -0.39 -26.54
N ALA C 335 -4.52 0.18 -27.61
CA ALA C 335 -3.88 0.13 -28.92
C ALA C 335 -2.42 0.60 -28.90
N GLU C 336 -2.11 1.52 -28.00
CA GLU C 336 -0.76 2.03 -27.92
C GLU C 336 0.29 1.07 -27.37
N VAL C 337 -0.12 -0.06 -26.80
CA VAL C 337 0.86 -1.02 -26.27
C VAL C 337 0.72 -2.40 -26.94
N ILE C 338 -0.12 -2.46 -27.94
CA ILE C 338 -0.34 -3.68 -28.70
C ILE C 338 0.27 -3.36 -30.07
N ALA C 339 1.17 -4.21 -30.55
CA ALA C 339 1.85 -3.99 -31.83
C ALA C 339 0.86 -3.54 -32.91
N PHE C 340 -0.18 -4.31 -33.11
CA PHE C 340 -1.21 -3.96 -34.09
C PHE C 340 -2.62 -4.24 -33.57
N SER C 341 -3.32 -3.21 -33.13
CA SER C 341 -4.68 -3.39 -32.65
C SER C 341 -5.50 -3.94 -33.82
N VAL C 342 -6.68 -4.46 -33.54
CA VAL C 342 -7.48 -5.09 -34.58
C VAL C 342 -7.82 -4.23 -35.80
N ASP C 343 -7.95 -2.92 -35.63
CA ASP C 343 -8.26 -2.09 -36.78
C ASP C 343 -7.09 -2.04 -37.78
N ARG C 344 -5.90 -2.46 -37.35
CA ARG C 344 -4.73 -2.42 -38.22
C ARG C 344 -4.10 -3.78 -38.48
N ALA C 345 -4.67 -4.82 -37.85
CA ALA C 345 -4.16 -6.17 -37.99
C ALA C 345 -4.39 -6.80 -39.35
N THR D 24 -5.40 -43.17 -22.51
CA THR D 24 -5.69 -42.23 -21.39
C THR D 24 -7.00 -41.48 -21.61
N ALA D 25 -7.71 -41.18 -20.52
CA ALA D 25 -8.97 -40.46 -20.59
C ALA D 25 -8.69 -39.17 -21.37
N SER D 26 -9.71 -38.66 -22.07
CA SER D 26 -9.51 -37.46 -22.86
C SER D 26 -9.29 -36.19 -22.05
N TRP D 27 -9.64 -36.18 -20.77
CA TRP D 27 -9.44 -34.98 -19.97
C TRP D 27 -7.94 -34.70 -19.76
N GLN D 28 -7.14 -35.76 -19.83
CA GLN D 28 -5.70 -35.64 -19.61
C GLN D 28 -4.95 -34.91 -20.72
N PRO D 29 -3.82 -34.29 -20.37
CA PRO D 29 -3.01 -33.57 -21.36
C PRO D 29 -2.35 -34.64 -22.21
N SER D 30 -2.03 -34.31 -23.46
CA SER D 30 -1.34 -35.27 -24.32
C SER D 30 0.13 -35.28 -23.93
N ALA D 31 0.58 -34.21 -23.29
CA ALA D 31 1.96 -34.10 -22.85
C ALA D 31 2.08 -34.34 -21.35
N SER D 32 3.05 -35.16 -20.96
CA SER D 32 3.26 -35.45 -19.54
C SER D 32 3.79 -34.20 -18.82
N ILE D 33 3.60 -34.14 -17.50
CA ILE D 33 4.09 -33.01 -16.73
C ILE D 33 5.60 -32.90 -16.92
N PRO D 34 6.32 -34.04 -16.92
CA PRO D 34 7.77 -33.97 -17.11
C PRO D 34 8.14 -33.29 -18.46
N ASN D 35 7.42 -33.64 -19.52
CA ASN D 35 7.68 -33.02 -20.82
C ASN D 35 7.38 -31.52 -20.82
N LEU D 36 6.28 -31.12 -20.17
CA LEU D 36 5.95 -29.68 -20.13
C LEU D 36 7.00 -28.90 -19.33
N LEU D 37 7.53 -29.54 -18.28
CA LEU D 37 8.55 -28.91 -17.46
C LEU D 37 9.76 -28.66 -18.34
N LYS D 38 10.15 -29.69 -19.09
CA LYS D 38 11.30 -29.59 -19.96
C LYS D 38 11.06 -28.64 -21.12
N ARG D 39 9.82 -28.61 -21.60
CA ARG D 39 9.49 -27.70 -22.70
C ARG D 39 9.68 -26.27 -22.21
N ALA D 40 9.24 -25.97 -20.99
CA ALA D 40 9.40 -24.62 -20.46
C ALA D 40 10.88 -24.25 -20.34
N ALA D 41 11.71 -25.23 -19.99
CA ALA D 41 13.15 -25.00 -19.88
C ALA D 41 13.73 -24.65 -21.26
N ILE D 42 13.28 -25.37 -22.29
CA ILE D 42 13.77 -25.10 -23.63
C ILE D 42 13.28 -23.75 -24.13
N MET D 43 12.05 -23.39 -23.78
CA MET D 43 11.54 -22.09 -24.21
C MET D 43 12.40 -21.00 -23.58
N ALA D 44 12.75 -21.16 -22.31
CA ALA D 44 13.57 -20.16 -21.62
C ALA D 44 14.97 -20.11 -22.21
N GLU D 45 15.48 -21.26 -22.61
CA GLU D 45 16.81 -21.33 -23.21
C GLU D 45 16.77 -20.56 -24.55
N ILE D 46 15.68 -20.71 -25.28
CA ILE D 46 15.52 -20.01 -26.56
C ILE D 46 15.51 -18.49 -26.31
N ARG D 47 14.78 -18.05 -25.29
CA ARG D 47 14.72 -16.61 -24.98
C ARG D 47 16.08 -16.05 -24.58
N ARG D 48 16.85 -16.82 -23.83
CA ARG D 48 18.18 -16.38 -23.40
C ARG D 48 19.12 -16.28 -24.61
N PHE D 49 18.94 -17.18 -25.58
CA PHE D 49 19.77 -17.20 -26.79
C PHE D 49 19.67 -15.88 -27.54
N PHE D 50 18.45 -15.39 -27.71
CA PHE D 50 18.24 -14.15 -28.43
C PHE D 50 18.50 -12.95 -27.54
N ALA D 51 18.22 -13.10 -26.25
CA ALA D 51 18.45 -12.02 -25.30
C ALA D 51 19.94 -11.70 -25.31
N ASP D 52 20.76 -12.75 -25.19
CA ASP D 52 22.21 -12.61 -25.19
C ASP D 52 22.73 -12.03 -26.50
N ARG D 53 21.91 -12.10 -27.55
CA ARG D 53 22.34 -11.56 -28.83
C ARG D 53 21.69 -10.21 -29.16
N GLY D 54 20.98 -9.64 -28.20
CA GLY D 54 20.33 -8.35 -28.40
C GLY D 54 19.14 -8.33 -29.35
N VAL D 55 18.44 -9.46 -29.50
CA VAL D 55 17.29 -9.50 -30.38
C VAL D 55 16.01 -9.28 -29.55
N LEU D 56 15.22 -8.28 -29.93
CA LEU D 56 13.98 -7.89 -29.23
C LEU D 56 12.81 -8.85 -29.44
N GLU D 57 12.13 -9.25 -28.37
CA GLU D 57 10.97 -10.13 -28.55
C GLU D 57 9.75 -9.24 -28.80
N VAL D 58 8.90 -9.64 -29.73
CA VAL D 58 7.67 -8.90 -30.05
C VAL D 58 6.49 -9.86 -30.13
N GLU D 59 5.29 -9.30 -30.05
CA GLU D 59 4.07 -10.07 -30.12
C GLU D 59 3.19 -9.41 -31.16
N THR D 60 2.81 -10.14 -32.20
CA THR D 60 1.94 -9.56 -33.21
C THR D 60 0.62 -10.32 -33.20
N PRO D 61 -0.38 -9.84 -33.95
CA PRO D 61 -1.70 -10.49 -34.00
C PRO D 61 -1.79 -11.98 -34.36
N CYS D 62 -2.78 -12.66 -33.78
CA CYS D 62 -3.05 -14.04 -34.18
C CYS D 62 -4.19 -13.93 -35.20
N MET D 63 -4.80 -12.76 -35.31
CA MET D 63 -5.92 -12.56 -36.26
C MET D 63 -5.69 -11.35 -37.14
N SER D 64 -6.06 -11.46 -38.41
CA SER D 64 -5.85 -10.36 -39.33
C SER D 64 -7.01 -10.22 -40.31
N GLN D 65 -7.16 -9.03 -40.88
CA GLN D 65 -8.20 -8.83 -41.88
C GLN D 65 -7.70 -9.35 -43.23
N ALA D 66 -6.44 -9.77 -43.27
CA ALA D 66 -5.84 -10.31 -44.50
C ALA D 66 -5.19 -11.65 -44.19
N THR D 67 -4.89 -12.44 -45.21
CA THR D 67 -4.26 -13.73 -45.02
C THR D 67 -3.09 -13.87 -46.00
N VAL D 68 -2.65 -15.09 -46.28
CA VAL D 68 -1.54 -15.29 -47.21
C VAL D 68 -2.06 -15.84 -48.54
N THR D 69 -1.44 -15.46 -49.64
CA THR D 69 -1.87 -15.97 -50.94
C THR D 69 -1.10 -17.24 -51.25
N ASP D 70 -0.11 -17.55 -50.41
CA ASP D 70 0.69 -18.76 -50.57
C ASP D 70 -0.27 -19.88 -50.97
N ILE D 71 0.06 -20.57 -52.05
CA ILE D 71 -0.82 -21.61 -52.59
C ILE D 71 -1.02 -22.88 -51.78
N HIS D 72 -0.07 -23.22 -50.93
CA HIS D 72 -0.17 -24.45 -50.15
C HIS D 72 -0.82 -24.32 -48.78
N LEU D 73 -1.17 -23.11 -48.38
CA LEU D 73 -1.77 -22.90 -47.07
C LEU D 73 -3.29 -22.72 -47.07
N VAL D 74 -3.93 -23.20 -46.01
CA VAL D 74 -5.36 -23.08 -45.82
C VAL D 74 -5.55 -22.48 -44.42
N PRO D 75 -5.93 -21.21 -44.35
CA PRO D 75 -6.11 -20.55 -43.06
C PRO D 75 -7.45 -20.74 -42.38
N PHE D 76 -7.47 -20.57 -41.07
CA PHE D 76 -8.71 -20.65 -40.32
C PHE D 76 -9.43 -19.33 -40.57
N GLU D 77 -10.75 -19.37 -40.56
CA GLU D 77 -11.55 -18.19 -40.79
C GLU D 77 -12.43 -17.91 -39.58
N THR D 78 -12.53 -16.65 -39.18
CA THR D 78 -13.40 -16.34 -38.06
C THR D 78 -14.06 -14.97 -38.22
N ARG D 79 -15.25 -14.83 -37.66
CA ARG D 79 -15.95 -13.56 -37.78
C ARG D 79 -15.89 -12.69 -36.52
N PHE D 80 -15.48 -11.44 -36.69
CA PHE D 80 -15.39 -10.47 -35.60
C PHE D 80 -16.62 -9.56 -35.60
N VAL D 81 -17.05 -9.16 -34.39
CA VAL D 81 -18.18 -8.27 -34.17
C VAL D 81 -19.50 -8.95 -34.45
N MET D 89 -15.94 -7.53 -38.99
CA MET D 89 -14.96 -7.91 -40.01
C MET D 89 -14.74 -9.41 -40.14
N ASN D 90 -14.32 -9.80 -41.33
CA ASN D 90 -13.98 -11.18 -41.62
C ASN D 90 -12.50 -11.23 -41.30
N LEU D 91 -12.12 -12.11 -40.38
CA LEU D 91 -10.72 -12.23 -39.95
C LEU D 91 -10.19 -13.60 -40.29
N TRP D 92 -8.87 -13.69 -40.37
CA TRP D 92 -8.18 -14.94 -40.67
C TRP D 92 -7.17 -15.13 -39.54
N LEU D 93 -6.95 -16.38 -39.10
CA LEU D 93 -5.96 -16.64 -38.07
C LEU D 93 -4.62 -16.67 -38.80
N MET D 94 -3.58 -16.18 -38.15
CA MET D 94 -2.26 -16.09 -38.78
C MET D 94 -1.49 -17.40 -38.95
N THR D 95 -1.11 -17.70 -40.18
CA THR D 95 -0.38 -18.93 -40.47
C THR D 95 1.08 -18.80 -40.01
N SER D 96 1.53 -17.57 -39.88
CA SER D 96 2.89 -17.22 -39.45
C SER D 96 2.86 -15.70 -39.22
N PRO D 97 3.67 -15.19 -38.28
CA PRO D 97 3.65 -13.74 -38.02
C PRO D 97 4.44 -12.89 -39.02
N GLU D 98 4.92 -13.52 -40.07
CA GLU D 98 5.77 -12.80 -41.03
C GLU D 98 5.30 -11.41 -41.45
N TYR D 99 4.07 -11.29 -41.97
CA TYR D 99 3.63 -9.99 -42.44
C TYR D 99 3.65 -8.86 -41.41
N HIS D 100 3.32 -9.17 -40.17
CA HIS D 100 3.34 -8.13 -39.16
C HIS D 100 4.75 -7.82 -38.73
N MET D 101 5.62 -8.83 -38.70
CA MET D 101 7.00 -8.59 -38.30
C MET D 101 7.71 -7.73 -39.36
N LYS D 102 7.37 -7.92 -40.62
CA LYS D 102 7.98 -7.11 -41.68
C LYS D 102 7.52 -5.66 -41.55
N ARG D 103 6.25 -5.46 -41.24
CA ARG D 103 5.73 -4.11 -41.03
C ARG D 103 6.49 -3.48 -39.87
N LEU D 104 6.76 -4.27 -38.83
CA LEU D 104 7.50 -3.74 -37.69
C LEU D 104 8.92 -3.34 -38.12
N LEU D 105 9.51 -4.13 -39.01
CA LEU D 105 10.87 -3.84 -39.47
C LEU D 105 10.90 -2.48 -40.14
N VAL D 106 9.92 -2.26 -41.02
CA VAL D 106 9.78 -1.00 -41.72
C VAL D 106 9.62 0.12 -40.70
N ALA D 107 8.88 -0.16 -39.63
CA ALA D 107 8.67 0.81 -38.55
C ALA D 107 9.93 1.06 -37.72
N GLY D 108 10.99 0.30 -37.97
CA GLY D 108 12.24 0.48 -37.24
C GLY D 108 12.47 -0.29 -35.94
N CYS D 109 11.87 -1.48 -35.83
CA CYS D 109 12.02 -2.29 -34.62
C CYS D 109 13.42 -2.89 -34.45
N GLY D 110 14.16 -3.05 -35.55
CA GLY D 110 15.49 -3.64 -35.46
C GLY D 110 15.36 -5.15 -35.44
N PRO D 111 16.43 -5.89 -35.06
CA PRO D 111 16.31 -7.35 -35.05
C PRO D 111 15.28 -7.79 -34.01
N VAL D 112 14.38 -8.68 -34.41
CA VAL D 112 13.32 -9.15 -33.53
C VAL D 112 13.01 -10.63 -33.70
N PHE D 113 12.45 -11.23 -32.65
CA PHE D 113 12.05 -12.62 -32.69
C PHE D 113 10.71 -12.73 -32.01
N GLN D 114 10.02 -13.83 -32.28
CA GLN D 114 8.72 -14.02 -31.65
C GLN D 114 8.47 -15.51 -31.43
N LEU D 115 7.82 -15.82 -30.32
CA LEU D 115 7.45 -17.19 -29.96
C LEU D 115 5.93 -17.08 -29.88
N CYS D 116 5.26 -17.33 -30.99
CA CYS D 116 3.81 -17.18 -31.06
C CYS D 116 3.06 -18.46 -31.37
N ARG D 117 1.74 -18.41 -31.18
CA ARG D 117 0.90 -19.54 -31.55
C ARG D 117 0.53 -19.22 -33.00
N SER D 118 0.76 -20.16 -33.91
CA SER D 118 0.41 -19.99 -35.32
C SER D 118 -0.68 -21.00 -35.67
N PHE D 119 -1.48 -20.69 -36.70
CA PHE D 119 -2.61 -21.54 -37.04
C PHE D 119 -2.72 -21.94 -38.51
N ARG D 120 -3.00 -23.20 -38.77
CA ARG D 120 -3.16 -23.70 -40.12
C ARG D 120 -4.23 -24.76 -40.11
N ASN D 121 -5.24 -24.58 -40.95
CA ASN D 121 -6.35 -25.54 -41.01
C ASN D 121 -5.88 -26.81 -41.69
N GLU D 122 -5.04 -27.56 -40.99
CA GLU D 122 -4.48 -28.81 -41.49
C GLU D 122 -4.84 -29.87 -40.47
N GLU D 123 -5.11 -31.08 -40.94
CA GLU D 123 -5.47 -32.14 -40.03
C GLU D 123 -4.30 -32.48 -39.12
N MET D 124 -4.63 -32.97 -37.94
CA MET D 124 -3.62 -33.35 -36.96
C MET D 124 -2.86 -34.56 -37.49
N GLY D 125 -1.56 -34.60 -37.21
CA GLY D 125 -0.73 -35.71 -37.62
C GLY D 125 0.38 -35.90 -36.61
N ARG D 126 1.23 -36.89 -36.87
CA ARG D 126 2.33 -37.17 -35.97
C ARG D 126 3.22 -35.95 -35.77
N TYR D 127 3.35 -35.12 -36.81
CA TYR D 127 4.20 -33.93 -36.73
C TYR D 127 3.48 -32.60 -36.98
N HIS D 128 2.15 -32.65 -37.00
CA HIS D 128 1.36 -31.46 -37.25
C HIS D 128 0.22 -31.29 -36.24
N ASN D 129 -0.03 -30.04 -35.86
CA ASN D 129 -1.18 -29.75 -35.00
C ASN D 129 -1.70 -28.47 -35.66
N PRO D 130 -3.04 -28.29 -35.75
CA PRO D 130 -3.60 -27.08 -36.38
C PRO D 130 -3.15 -25.78 -35.72
N GLU D 131 -2.74 -25.86 -34.46
CA GLU D 131 -2.18 -24.67 -33.83
C GLU D 131 -0.85 -25.17 -33.27
N PHE D 132 0.21 -24.40 -33.51
CA PHE D 132 1.53 -24.81 -33.06
C PHE D 132 2.35 -23.59 -32.70
N THR D 133 3.49 -23.82 -32.06
CA THR D 133 4.32 -22.71 -31.67
C THR D 133 5.42 -22.43 -32.68
N MET D 134 5.47 -21.21 -33.18
CA MET D 134 6.48 -20.84 -34.14
C MET D 134 7.53 -19.95 -33.48
N LEU D 135 8.78 -20.11 -33.87
CA LEU D 135 9.86 -19.26 -33.39
C LEU D 135 10.24 -18.60 -34.71
N GLU D 136 9.98 -17.30 -34.85
CA GLU D 136 10.30 -16.63 -36.08
C GLU D 136 11.07 -15.36 -35.76
N TRP D 137 12.16 -15.12 -36.50
CA TRP D 137 12.97 -13.93 -36.25
C TRP D 137 13.56 -13.36 -37.51
N TYR D 138 13.90 -12.06 -37.42
CA TYR D 138 14.42 -11.30 -38.53
C TYR D 138 15.69 -10.57 -38.15
N ARG D 139 16.63 -10.52 -39.09
CA ARG D 139 17.92 -9.92 -38.86
C ARG D 139 18.35 -8.94 -39.91
N PRO D 140 18.24 -7.64 -39.61
CA PRO D 140 18.67 -6.64 -40.60
C PRO D 140 20.18 -6.82 -40.84
N HIS D 141 20.61 -6.66 -42.09
CA HIS D 141 22.02 -6.76 -42.46
C HIS D 141 22.61 -8.16 -42.49
N TYR D 142 21.79 -9.18 -42.29
CA TYR D 142 22.27 -10.55 -42.33
C TYR D 142 21.92 -11.12 -43.70
N ASP D 143 22.88 -11.74 -44.39
CA ASP D 143 22.54 -12.35 -45.66
C ASP D 143 22.10 -13.77 -45.30
N MET D 144 21.66 -14.54 -46.29
CA MET D 144 21.17 -15.88 -46.02
C MET D 144 22.08 -16.84 -45.27
N TYR D 145 23.37 -16.84 -45.59
CA TYR D 145 24.29 -17.74 -44.92
C TYR D 145 24.57 -17.33 -43.48
N ARG D 146 24.65 -16.04 -43.23
CA ARG D 146 24.92 -15.59 -41.87
C ARG D 146 23.74 -15.99 -40.98
N LEU D 147 22.53 -15.91 -41.54
CA LEU D 147 21.33 -16.29 -40.78
C LEU D 147 21.40 -17.80 -40.54
N MET D 148 21.79 -18.54 -41.57
CA MET D 148 21.88 -20.00 -41.43
C MET D 148 22.83 -20.40 -40.29
N ASN D 149 23.93 -19.67 -40.15
CA ASN D 149 24.89 -19.98 -39.07
C ASN D 149 24.26 -19.75 -37.70
N GLU D 150 23.38 -18.77 -37.60
CA GLU D 150 22.71 -18.49 -36.33
C GLU D 150 21.74 -19.63 -36.01
N VAL D 151 20.99 -20.07 -37.01
CA VAL D 151 20.07 -21.17 -36.80
C VAL D 151 20.88 -22.41 -36.41
N ASP D 152 22.04 -22.57 -37.03
CA ASP D 152 22.91 -23.70 -36.75
C ASP D 152 23.31 -23.64 -35.26
N ASP D 153 23.73 -22.46 -34.82
CA ASP D 153 24.12 -22.27 -33.41
C ASP D 153 22.94 -22.61 -32.49
N LEU D 154 21.76 -22.11 -32.80
CA LEU D 154 20.60 -22.40 -31.95
C LEU D 154 20.37 -23.90 -31.84
N LEU D 155 20.42 -24.60 -32.98
CA LEU D 155 20.20 -26.04 -32.99
C LEU D 155 21.24 -26.81 -32.16
N GLN D 156 22.51 -26.48 -32.33
CA GLN D 156 23.55 -27.16 -31.58
C GLN D 156 23.32 -27.02 -30.08
N GLN D 157 23.06 -25.80 -29.63
CA GLN D 157 22.83 -25.56 -28.22
C GLN D 157 21.58 -26.20 -27.64
N VAL D 158 20.48 -26.17 -28.36
CA VAL D 158 19.24 -26.74 -27.83
C VAL D 158 19.20 -28.26 -27.89
N LEU D 159 19.73 -28.84 -28.97
CA LEU D 159 19.70 -30.27 -29.17
C LEU D 159 21.03 -30.98 -28.90
N ASP D 160 22.06 -30.21 -28.59
CA ASP D 160 23.38 -30.80 -28.36
C ASP D 160 23.76 -31.73 -29.51
N CYS D 161 23.42 -31.31 -30.73
CA CYS D 161 23.71 -32.09 -31.93
C CYS D 161 24.94 -31.48 -32.60
N PRO D 162 25.57 -32.22 -33.54
CA PRO D 162 26.75 -31.65 -34.21
C PRO D 162 26.42 -30.49 -35.15
N ALA D 163 27.44 -29.73 -35.54
CA ALA D 163 27.24 -28.61 -36.45
C ALA D 163 26.56 -29.15 -37.70
N ALA D 164 25.71 -28.33 -38.31
CA ALA D 164 24.97 -28.75 -39.49
C ALA D 164 25.77 -28.70 -40.79
N GLU D 165 25.29 -29.45 -41.78
CA GLU D 165 25.89 -29.50 -43.10
C GLU D 165 24.96 -28.68 -44.00
N SER D 166 25.53 -28.09 -45.04
CA SER D 166 24.78 -27.24 -45.97
C SER D 166 24.85 -27.87 -47.35
N LEU D 167 23.69 -27.96 -48.01
CA LEU D 167 23.57 -28.59 -49.31
C LEU D 167 22.64 -27.76 -50.20
N SER D 168 23.07 -27.45 -51.41
CA SER D 168 22.21 -26.70 -52.31
C SER D 168 21.11 -27.64 -52.81
N TYR D 169 19.97 -27.06 -53.17
CA TYR D 169 18.83 -27.81 -53.65
C TYR D 169 19.27 -28.64 -54.86
N GLN D 170 20.04 -28.00 -55.72
CA GLN D 170 20.54 -28.65 -56.93
C GLN D 170 21.38 -29.88 -56.63
N GLN D 171 22.32 -29.78 -55.70
CA GLN D 171 23.16 -30.93 -55.41
C GLN D 171 22.47 -32.04 -54.63
N ALA D 172 21.48 -31.68 -53.80
CA ALA D 172 20.77 -32.71 -53.06
C ALA D 172 20.10 -33.60 -54.10
N PHE D 173 19.52 -32.97 -55.11
CA PHE D 173 18.85 -33.71 -56.18
C PHE D 173 19.84 -34.56 -56.99
N LEU D 174 20.95 -33.94 -57.37
CA LEU D 174 21.98 -34.62 -58.15
C LEU D 174 22.53 -35.83 -57.40
N ARG D 175 22.80 -35.64 -56.12
CA ARG D 175 23.36 -36.66 -55.26
C ARG D 175 22.46 -37.84 -54.89
N TYR D 176 21.16 -37.60 -54.75
CA TYR D 176 20.26 -38.68 -54.37
C TYR D 176 19.35 -39.16 -55.49
N LEU D 177 19.18 -38.33 -56.52
CA LEU D 177 18.30 -38.72 -57.63
C LEU D 177 19.00 -38.64 -58.98
N GLU D 178 20.23 -38.13 -58.97
CA GLU D 178 21.04 -38.00 -60.18
C GLU D 178 20.31 -37.23 -61.28
N ILE D 179 19.65 -36.14 -60.90
CA ILE D 179 18.92 -35.31 -61.85
C ILE D 179 19.13 -33.85 -61.45
N ASP D 180 19.32 -32.97 -62.44
CA ASP D 180 19.50 -31.56 -62.15
C ASP D 180 18.11 -30.97 -62.15
N PRO D 181 17.59 -30.59 -60.97
CA PRO D 181 16.25 -30.02 -60.86
C PRO D 181 16.12 -28.66 -61.52
N LEU D 182 17.26 -28.04 -61.83
CA LEU D 182 17.29 -26.72 -62.43
C LEU D 182 17.19 -26.70 -63.95
N SER D 183 17.30 -27.87 -64.58
CA SER D 183 17.25 -27.98 -66.04
C SER D 183 16.50 -29.22 -66.49
N ALA D 184 16.35 -30.19 -65.60
CA ALA D 184 15.65 -31.43 -65.91
C ALA D 184 14.30 -31.12 -66.54
N ASP D 185 13.94 -31.86 -67.58
CA ASP D 185 12.67 -31.65 -68.26
C ASP D 185 11.55 -32.43 -67.60
N LYS D 186 10.31 -31.95 -67.78
CA LYS D 186 9.12 -32.58 -67.22
C LYS D 186 9.11 -34.10 -67.40
N THR D 187 9.53 -34.54 -68.57
CA THR D 187 9.58 -35.97 -68.89
C THR D 187 10.62 -36.66 -68.01
N GLN D 188 11.80 -36.05 -67.92
CA GLN D 188 12.89 -36.59 -67.13
C GLN D 188 12.52 -36.69 -65.66
N LEU D 189 11.95 -35.62 -65.11
CA LEU D 189 11.52 -35.59 -63.71
C LEU D 189 10.47 -36.68 -63.54
N ARG D 190 9.68 -36.86 -64.59
CA ARG D 190 8.61 -37.84 -64.59
C ARG D 190 9.21 -39.24 -64.59
N GLU D 191 10.46 -39.34 -65.04
CA GLU D 191 11.15 -40.62 -65.08
C GLU D 191 11.65 -40.99 -63.68
N VAL D 192 12.17 -39.99 -62.97
CA VAL D 192 12.66 -40.21 -61.61
C VAL D 192 11.48 -40.60 -60.73
N ALA D 193 10.31 -40.04 -61.03
CA ALA D 193 9.11 -40.35 -60.27
C ALA D 193 8.75 -41.80 -60.50
N ALA D 194 9.18 -42.34 -61.64
CA ALA D 194 8.93 -43.74 -62.00
C ALA D 194 9.79 -44.67 -61.16
N LYS D 195 11.05 -44.29 -60.94
CA LYS D 195 11.96 -45.09 -60.13
C LYS D 195 11.38 -45.27 -58.74
N LEU D 196 10.21 -44.69 -58.54
CA LEU D 196 9.48 -44.76 -57.28
C LEU D 196 8.04 -45.04 -57.67
N ASP D 197 7.27 -45.65 -56.77
CA ASP D 197 5.88 -45.94 -57.07
C ASP D 197 5.03 -44.67 -57.14
N LEU D 198 5.68 -43.57 -57.52
CA LEU D 198 5.00 -42.28 -57.63
C LEU D 198 4.52 -42.06 -59.05
N SER D 199 4.82 -43.01 -59.93
CA SER D 199 4.40 -42.92 -61.32
C SER D 199 2.89 -42.78 -61.40
N ASN D 200 2.19 -43.33 -60.41
CA ASN D 200 0.74 -43.24 -60.37
C ASN D 200 0.34 -41.77 -60.18
N VAL D 201 1.32 -40.98 -59.74
CA VAL D 201 1.12 -39.55 -59.52
C VAL D 201 2.24 -38.76 -60.21
N GLU D 206 1.19 -32.06 -64.28
CA GLU D 206 2.00 -31.39 -65.29
C GLU D 206 2.67 -30.11 -64.81
N ASP D 207 2.50 -29.80 -63.52
CA ASP D 207 3.14 -28.60 -62.96
C ASP D 207 4.54 -29.01 -62.55
N ARG D 208 5.54 -28.35 -63.12
CA ARG D 208 6.93 -28.67 -62.81
C ARG D 208 7.23 -28.62 -61.30
N ASP D 209 6.76 -27.59 -60.63
CA ASP D 209 6.99 -27.46 -59.19
C ASP D 209 6.42 -28.57 -58.34
N THR D 210 5.18 -28.97 -58.60
CA THR D 210 4.57 -30.03 -57.80
C THR D 210 5.35 -31.32 -58.03
N LEU D 211 5.91 -31.46 -59.23
CA LEU D 211 6.69 -32.64 -59.58
C LEU D 211 8.00 -32.61 -58.80
N LEU D 212 8.62 -31.44 -58.74
CA LEU D 212 9.86 -31.28 -58.00
C LEU D 212 9.64 -31.58 -56.51
N GLN D 213 8.60 -30.99 -55.92
CA GLN D 213 8.33 -31.24 -54.51
C GLN D 213 7.97 -32.70 -54.21
N LEU D 214 7.34 -33.38 -55.18
CA LEU D 214 6.98 -34.78 -55.01
C LEU D 214 8.27 -35.59 -54.88
N LEU D 215 9.20 -35.34 -55.79
CA LEU D 215 10.48 -36.02 -55.78
C LEU D 215 11.31 -35.62 -54.57
N PHE D 216 11.20 -34.36 -54.16
CA PHE D 216 11.96 -33.92 -53.00
C PHE D 216 11.46 -34.69 -51.78
N THR D 217 10.15 -34.72 -51.60
CA THR D 217 9.54 -35.41 -50.47
C THR D 217 9.95 -36.87 -50.34
N PHE D 218 9.92 -37.61 -51.45
CA PHE D 218 10.27 -39.03 -51.41
C PHE D 218 11.68 -39.39 -51.85
N GLY D 219 12.33 -38.48 -52.57
CA GLY D 219 13.68 -38.77 -53.05
C GLY D 219 14.82 -38.15 -52.26
N VAL D 220 14.61 -36.96 -51.72
CA VAL D 220 15.65 -36.27 -50.98
C VAL D 220 15.49 -36.31 -49.45
N GLU D 221 14.30 -35.96 -48.96
CA GLU D 221 14.06 -35.94 -47.52
C GLU D 221 14.48 -37.18 -46.73
N PRO D 222 14.15 -38.38 -47.24
CA PRO D 222 14.53 -39.60 -46.52
C PRO D 222 16.02 -39.86 -46.39
N ASN D 223 16.84 -39.07 -47.09
CA ASN D 223 18.28 -39.25 -47.06
C ASN D 223 19.11 -38.17 -46.37
N ILE D 224 18.48 -37.07 -45.97
CA ILE D 224 19.23 -35.99 -45.32
C ILE D 224 18.98 -35.89 -43.82
N GLY D 225 19.83 -35.13 -43.14
CA GLY D 225 19.69 -34.93 -41.70
C GLY D 225 19.76 -36.18 -40.85
N LYS D 226 20.58 -37.15 -41.26
CA LYS D 226 20.69 -38.41 -40.51
C LYS D 226 21.55 -38.30 -39.26
N GLU D 227 22.74 -37.75 -39.37
CA GLU D 227 23.64 -37.64 -38.22
C GLU D 227 23.80 -36.22 -37.71
N LYS D 228 23.21 -35.27 -38.43
CA LYS D 228 23.26 -33.86 -38.05
C LYS D 228 22.28 -33.11 -38.93
N PRO D 229 21.90 -31.88 -38.53
CA PRO D 229 20.95 -31.10 -39.33
C PRO D 229 21.47 -30.82 -40.75
N THR D 230 20.58 -30.88 -41.73
CA THR D 230 20.96 -30.58 -43.10
C THR D 230 20.16 -29.35 -43.56
N PHE D 231 20.88 -28.31 -43.93
CA PHE D 231 20.30 -27.08 -44.46
C PHE D 231 20.31 -27.24 -45.97
N VAL D 232 19.14 -27.16 -46.60
CA VAL D 232 19.07 -27.22 -48.05
C VAL D 232 18.77 -25.80 -48.48
N TYR D 233 19.67 -25.20 -49.25
CA TYR D 233 19.46 -23.82 -49.66
C TYR D 233 19.38 -23.67 -51.16
N HIS D 234 18.98 -22.49 -51.61
CA HIS D 234 18.85 -22.20 -53.03
C HIS D 234 17.77 -23.03 -53.75
N PHE D 235 16.54 -22.95 -53.25
CA PHE D 235 15.43 -23.64 -53.89
C PHE D 235 15.22 -22.95 -55.25
N PRO D 236 14.46 -23.57 -56.15
CA PRO D 236 14.25 -22.93 -57.46
C PRO D 236 13.44 -21.64 -57.34
N ALA D 237 13.71 -20.71 -58.27
CA ALA D 237 13.07 -19.40 -58.29
C ALA D 237 11.55 -19.51 -58.24
N SER D 238 11.02 -20.59 -58.80
CA SER D 238 9.59 -20.82 -58.83
C SER D 238 9.04 -21.00 -57.41
N GLN D 239 9.90 -21.44 -56.49
CA GLN D 239 9.49 -21.67 -55.10
C GLN D 239 10.11 -20.62 -54.16
N ALA D 240 10.34 -19.42 -54.69
CA ALA D 240 10.94 -18.33 -53.94
C ALA D 240 10.13 -17.86 -52.75
N SER D 241 8.80 -18.02 -52.79
CA SER D 241 7.97 -17.56 -51.69
C SER D 241 8.21 -16.05 -51.54
N LEU D 242 8.66 -15.59 -50.38
CA LEU D 242 8.93 -14.15 -50.23
C LEU D 242 10.42 -13.87 -50.17
N ALA D 243 11.19 -14.72 -50.84
CA ALA D 243 12.64 -14.61 -50.87
C ALA D 243 13.18 -13.87 -52.09
N GLN D 244 14.33 -13.25 -51.89
CA GLN D 244 15.01 -12.52 -52.94
C GLN D 244 15.56 -13.61 -53.87
N ILE D 245 15.66 -13.30 -55.16
CA ILE D 245 16.20 -14.26 -56.10
C ILE D 245 17.70 -14.03 -56.19
N SER D 246 18.47 -15.11 -56.15
CA SER D 246 19.93 -15.01 -56.22
C SER D 246 20.43 -14.08 -57.32
N THR D 247 21.44 -13.29 -57.00
CA THR D 247 22.00 -12.36 -57.96
C THR D 247 23.02 -13.05 -58.84
N GLU D 248 23.52 -14.21 -58.40
CA GLU D 248 24.49 -14.96 -59.19
C GLU D 248 23.83 -15.99 -60.08
N ASP D 249 22.61 -16.39 -59.75
CA ASP D 249 21.89 -17.36 -60.56
C ASP D 249 20.38 -17.14 -60.42
N HIS D 250 19.81 -16.54 -61.45
CA HIS D 250 18.40 -16.20 -61.51
C HIS D 250 17.46 -17.40 -61.41
N ARG D 251 18.01 -18.60 -61.53
CA ARG D 251 17.18 -19.81 -61.48
C ARG D 251 16.95 -20.27 -60.05
N VAL D 252 17.68 -19.67 -59.12
CA VAL D 252 17.58 -20.05 -57.73
C VAL D 252 17.18 -18.91 -56.79
N ALA D 253 16.45 -19.25 -55.73
CA ALA D 253 16.01 -18.26 -54.74
C ALA D 253 16.84 -18.38 -53.46
N GLU D 254 16.98 -17.26 -52.75
CA GLU D 254 17.73 -17.23 -51.49
C GLU D 254 16.84 -17.73 -50.36
N ARG D 255 16.54 -19.02 -50.42
CA ARG D 255 15.69 -19.66 -49.44
C ARG D 255 16.37 -20.92 -48.95
N PHE D 256 16.20 -21.24 -47.68
CA PHE D 256 16.78 -22.46 -47.14
C PHE D 256 15.79 -23.11 -46.19
N GLU D 257 15.90 -24.43 -46.04
CA GLU D 257 15.04 -25.18 -45.13
C GLU D 257 15.99 -26.10 -44.39
N VAL D 258 15.66 -26.44 -43.15
CA VAL D 258 16.53 -27.31 -42.39
C VAL D 258 15.76 -28.53 -41.93
N TYR D 259 16.38 -29.70 -42.09
CA TYR D 259 15.81 -30.99 -41.71
C TYR D 259 16.74 -31.72 -40.75
N TYR D 260 16.16 -32.49 -39.83
CA TYR D 260 16.95 -33.25 -38.89
C TYR D 260 16.15 -34.44 -38.38
N LYS D 261 16.74 -35.62 -38.47
CA LYS D 261 16.10 -36.86 -38.04
C LYS D 261 14.76 -37.06 -38.69
N GLY D 262 14.67 -36.68 -39.96
CA GLY D 262 13.46 -36.85 -40.72
C GLY D 262 12.39 -35.78 -40.51
N ILE D 263 12.69 -34.74 -39.74
CA ILE D 263 11.69 -33.70 -39.48
C ILE D 263 12.09 -32.34 -40.07
N GLU D 264 11.12 -31.68 -40.70
CA GLU D 264 11.36 -30.37 -41.28
C GLU D 264 11.25 -29.37 -40.13
N LEU D 265 12.37 -28.74 -39.81
CA LEU D 265 12.42 -27.80 -38.69
C LEU D 265 12.21 -26.32 -38.97
N ALA D 266 12.73 -25.83 -40.08
CA ALA D 266 12.61 -24.40 -40.35
C ALA D 266 12.71 -24.04 -41.83
N ASN D 267 12.33 -22.80 -42.14
CA ASN D 267 12.34 -22.30 -43.50
C ASN D 267 12.69 -20.82 -43.36
N GLY D 268 13.71 -20.37 -44.08
CA GLY D 268 14.13 -18.98 -44.00
C GLY D 268 14.54 -18.40 -45.34
N PHE D 269 14.54 -17.08 -45.44
CA PHE D 269 14.87 -16.37 -46.68
C PHE D 269 15.75 -15.17 -46.45
N HIS D 270 16.43 -14.76 -47.53
CA HIS D 270 17.12 -13.48 -47.55
C HIS D 270 15.84 -12.78 -48.06
N GLU D 271 15.25 -11.88 -47.27
CA GLU D 271 13.98 -11.25 -47.61
C GLU D 271 13.85 -10.33 -48.82
N LEU D 272 12.73 -10.48 -49.54
CA LEU D 272 12.43 -9.62 -50.68
C LEU D 272 11.98 -8.27 -50.12
N THR D 273 12.64 -7.20 -50.55
CA THR D 273 12.28 -5.86 -50.08
C THR D 273 11.58 -5.01 -51.13
N ASP D 274 11.55 -5.50 -52.37
CA ASP D 274 10.91 -4.77 -53.46
C ASP D 274 9.41 -4.94 -53.42
N ALA D 275 8.70 -3.84 -53.12
CA ALA D 275 7.25 -3.86 -53.02
C ALA D 275 6.57 -4.27 -54.32
N ARG D 276 7.12 -3.82 -55.45
CA ARG D 276 6.54 -4.14 -56.76
C ARG D 276 6.60 -5.64 -57.01
N GLU D 277 7.77 -6.21 -56.78
CA GLU D 277 7.96 -7.65 -56.99
C GLU D 277 7.07 -8.44 -56.05
N GLN D 278 6.99 -8.00 -54.79
CA GLN D 278 6.19 -8.72 -53.82
C GLN D 278 4.74 -8.74 -54.25
N GLN D 279 4.20 -7.57 -54.58
CA GLN D 279 2.81 -7.50 -55.00
C GLN D 279 2.57 -8.38 -56.21
N GLN D 280 3.49 -8.33 -57.18
CA GLN D 280 3.29 -9.13 -58.38
C GLN D 280 3.29 -10.62 -58.08
N ARG D 281 4.14 -11.04 -57.14
CA ARG D 281 4.21 -12.44 -56.77
C ARG D 281 2.89 -12.87 -56.12
N PHE D 282 2.33 -11.99 -55.30
CA PHE D 282 1.05 -12.29 -54.66
C PHE D 282 -0.02 -12.45 -55.73
N GLU D 283 0.02 -11.61 -56.76
CA GLU D 283 -0.97 -11.73 -57.82
C GLU D 283 -0.80 -13.08 -58.51
N GLN D 284 0.44 -13.50 -58.74
CA GLN D 284 0.69 -14.78 -59.39
C GLN D 284 0.15 -15.93 -58.53
N ASP D 285 0.23 -15.76 -57.22
CA ASP D 285 -0.29 -16.77 -56.30
C ASP D 285 -1.79 -16.89 -56.56
N ASN D 286 -2.47 -15.75 -56.60
CA ASN D 286 -3.90 -15.80 -56.84
C ASN D 286 -4.14 -16.33 -58.25
N ARG D 287 -3.31 -15.88 -59.19
CA ARG D 287 -3.41 -16.34 -60.57
C ARG D 287 -3.42 -17.86 -60.53
N LYS D 288 -2.44 -18.43 -59.83
CA LYS D 288 -2.33 -19.89 -59.71
C LYS D 288 -3.52 -20.49 -59.00
N ARG D 289 -3.83 -19.98 -57.82
CA ARG D 289 -4.98 -20.47 -57.07
C ARG D 289 -6.18 -20.55 -58.00
N ALA D 290 -6.44 -19.46 -58.72
CA ALA D 290 -7.57 -19.42 -59.65
C ALA D 290 -7.41 -20.44 -60.75
N ALA D 291 -6.16 -20.67 -61.18
CA ALA D 291 -5.86 -21.64 -62.23
C ALA D 291 -6.18 -23.02 -61.69
N ARG D 292 -6.16 -23.13 -60.37
CA ARG D 292 -6.50 -24.37 -59.69
C ARG D 292 -7.91 -24.04 -59.24
N GLY D 293 -8.53 -24.86 -58.39
CA GLY D 293 -9.87 -24.51 -57.95
C GLY D 293 -9.86 -23.87 -56.57
N LEU D 294 -8.79 -23.13 -56.29
CA LEU D 294 -8.65 -22.55 -54.97
C LEU D 294 -9.13 -21.12 -54.80
N PRO D 295 -9.71 -20.81 -53.63
CA PRO D 295 -10.20 -19.46 -53.38
C PRO D 295 -9.09 -18.45 -53.45
N GLN D 296 -9.40 -17.30 -54.04
CA GLN D 296 -8.40 -16.26 -54.13
C GLN D 296 -8.45 -15.49 -52.80
N HIS D 297 -7.29 -15.11 -52.32
CA HIS D 297 -7.21 -14.38 -51.07
C HIS D 297 -6.77 -12.97 -51.36
N PRO D 298 -7.42 -11.98 -50.73
CA PRO D 298 -7.04 -10.59 -50.94
C PRO D 298 -5.62 -10.36 -50.47
N ILE D 299 -4.91 -9.49 -51.15
CA ILE D 299 -3.53 -9.18 -50.81
C ILE D 299 -3.46 -8.22 -49.63
N ASP D 300 -2.60 -8.53 -48.67
CA ASP D 300 -2.44 -7.67 -47.49
C ASP D 300 -1.81 -6.34 -47.90
N GLN D 301 -2.64 -5.31 -48.05
CA GLN D 301 -2.15 -3.99 -48.45
C GLN D 301 -1.24 -3.36 -47.41
N ASN D 302 -1.45 -3.68 -46.14
CA ASN D 302 -0.60 -3.13 -45.10
C ASN D 302 0.84 -3.57 -45.33
N LEU D 303 1.03 -4.84 -45.67
CA LEU D 303 2.38 -5.33 -45.95
C LEU D 303 2.96 -4.58 -47.17
N ILE D 304 2.17 -4.43 -48.22
CA ILE D 304 2.64 -3.75 -49.42
C ILE D 304 2.99 -2.28 -49.15
N GLU D 305 2.09 -1.54 -48.51
CA GLU D 305 2.36 -0.15 -48.22
C GLU D 305 3.62 0.02 -47.37
N ALA D 306 3.83 -0.90 -46.41
CA ALA D 306 5.02 -0.82 -45.57
C ALA D 306 6.27 -1.07 -46.43
N LEU D 307 6.22 -2.06 -47.30
CA LEU D 307 7.38 -2.35 -48.16
C LEU D 307 7.70 -1.16 -49.05
N LYS D 308 6.67 -0.39 -49.43
CA LYS D 308 6.85 0.79 -50.26
C LYS D 308 7.62 1.83 -49.46
N VAL D 309 7.28 1.98 -48.18
CA VAL D 309 7.97 2.93 -47.34
C VAL D 309 9.44 2.51 -47.24
N GLY D 310 9.68 1.20 -47.25
CA GLY D 310 11.05 0.71 -47.20
C GLY D 310 11.46 -0.19 -46.06
N MET D 311 11.62 -1.49 -46.36
CA MET D 311 12.06 -2.45 -45.34
C MET D 311 13.55 -2.65 -45.45
N PRO D 312 14.29 -2.48 -44.35
CA PRO D 312 15.74 -2.67 -44.41
C PRO D 312 16.09 -4.06 -44.91
N ASP D 313 17.24 -4.17 -45.57
CA ASP D 313 17.65 -5.46 -46.11
C ASP D 313 17.84 -6.41 -44.92
N CYS D 314 17.26 -7.60 -45.03
CA CYS D 314 17.36 -8.56 -43.93
C CYS D 314 17.06 -9.98 -44.36
N SER D 315 17.29 -10.91 -43.44
CA SER D 315 17.01 -12.33 -43.65
C SER D 315 16.19 -12.77 -42.44
N GLY D 316 15.22 -13.64 -42.68
CA GLY D 316 14.37 -14.09 -41.59
C GLY D 316 14.15 -15.58 -41.67
N VAL D 317 13.71 -16.17 -40.58
CA VAL D 317 13.49 -17.61 -40.56
C VAL D 317 12.38 -17.98 -39.57
N ALA D 318 11.64 -19.03 -39.87
CA ALA D 318 10.57 -19.48 -39.00
C ALA D 318 10.86 -20.93 -38.68
N LEU D 319 10.83 -21.25 -37.38
CA LEU D 319 11.09 -22.61 -36.92
C LEU D 319 9.93 -23.16 -36.09
N GLY D 320 9.62 -24.44 -36.29
CA GLY D 320 8.56 -25.06 -35.52
C GLY D 320 9.11 -25.51 -34.18
N VAL D 321 8.78 -24.76 -33.14
CA VAL D 321 9.25 -25.05 -31.80
C VAL D 321 8.80 -26.42 -31.28
N ASP D 322 7.55 -26.79 -31.55
CA ASP D 322 7.06 -28.08 -31.08
C ASP D 322 7.91 -29.17 -31.67
N ARG D 323 8.28 -29.03 -32.95
CA ARG D 323 9.10 -30.04 -33.60
C ARG D 323 10.50 -30.05 -32.98
N LEU D 324 11.01 -28.86 -32.64
CA LEU D 324 12.32 -28.78 -32.02
C LEU D 324 12.29 -29.46 -30.65
N VAL D 325 11.23 -29.23 -29.89
CA VAL D 325 11.09 -29.81 -28.56
C VAL D 325 10.94 -31.33 -28.65
N MET D 326 10.15 -31.78 -29.63
CA MET D 326 9.92 -33.20 -29.84
C MET D 326 11.29 -33.86 -30.02
N LEU D 327 12.13 -33.26 -30.86
CA LEU D 327 13.47 -33.81 -31.10
C LEU D 327 14.31 -33.82 -29.83
N ALA D 328 14.36 -32.68 -29.13
CA ALA D 328 15.15 -32.59 -27.90
C ALA D 328 14.76 -33.62 -26.84
N LEU D 329 13.48 -33.95 -26.76
CA LEU D 329 13.00 -34.89 -25.75
C LEU D 329 12.87 -36.33 -26.26
N GLY D 330 13.18 -36.53 -27.53
CA GLY D 330 13.08 -37.85 -28.10
C GLY D 330 11.63 -38.34 -28.12
N ALA D 331 10.68 -37.41 -28.21
CA ALA D 331 9.27 -37.79 -28.24
C ALA D 331 8.91 -38.42 -29.57
N GLU D 332 7.89 -39.28 -29.56
CA GLU D 332 7.41 -40.00 -30.75
C GLU D 332 6.49 -39.17 -31.63
N THR D 333 5.64 -38.36 -30.99
CA THR D 333 4.69 -37.53 -31.71
C THR D 333 4.75 -36.09 -31.23
N LEU D 334 4.14 -35.21 -32.00
CA LEU D 334 4.09 -33.81 -31.63
C LEU D 334 3.17 -33.65 -30.41
N ALA D 335 2.09 -34.43 -30.36
CA ALA D 335 1.15 -34.32 -29.24
C ALA D 335 1.78 -34.53 -27.88
N GLU D 336 2.87 -35.28 -27.84
CA GLU D 336 3.56 -35.57 -26.59
C GLU D 336 4.31 -34.37 -26.00
N VAL D 337 4.47 -33.30 -26.78
CA VAL D 337 5.16 -32.12 -26.26
C VAL D 337 4.27 -30.89 -26.26
N ILE D 338 3.00 -31.09 -26.61
CA ILE D 338 1.96 -30.04 -26.63
C ILE D 338 0.99 -30.39 -25.48
N ALA D 339 0.72 -29.45 -24.59
CA ALA D 339 -0.15 -29.74 -23.45
C ALA D 339 -1.44 -30.45 -23.88
N PHE D 340 -2.12 -29.94 -24.89
CA PHE D 340 -3.35 -30.56 -25.36
C PHE D 340 -3.45 -30.49 -26.88
N SER D 341 -3.15 -31.60 -27.55
CA SER D 341 -3.27 -31.63 -29.00
C SER D 341 -4.77 -31.38 -29.32
N VAL D 342 -5.07 -30.95 -30.54
CA VAL D 342 -6.44 -30.60 -30.92
C VAL D 342 -7.51 -31.63 -30.63
N ASP D 343 -7.17 -32.92 -30.75
CA ASP D 343 -8.15 -33.97 -30.49
C ASP D 343 -8.71 -33.91 -29.07
N ARG D 344 -7.97 -33.34 -28.13
CA ARG D 344 -8.50 -33.24 -26.78
C ARG D 344 -8.58 -31.83 -26.26
N ALA D 345 -8.38 -30.85 -27.14
CA ALA D 345 -8.44 -29.43 -26.78
C ALA D 345 -9.87 -28.94 -26.49
#